data_3EYO
#
_entry.id   3EYO
#
_cell.length_a   63.030
_cell.length_b   110.730
_cell.length_c   180.250
_cell.angle_alpha   90.00
_cell.angle_beta   90.00
_cell.angle_gamma   90.00
#
_symmetry.space_group_name_H-M   'P 21 21 21'
#
loop_
_entity.id
_entity.type
_entity.pdbx_description
1 polymer '8f9 Fab'
2 polymer AD-2
3 water water
#
loop_
_entity_poly.entity_id
_entity_poly.type
_entity_poly.pdbx_seq_one_letter_code
_entity_poly.pdbx_strand_id
1 'polypeptide(L)'
;MEIVLTQSPATLSLSPGERATLSCRASQSVGGYLTWYQHKPGQAPRLLIFDASIRATGIPARFSGSGSGTDFTLTITRLE
PEDFAVYYCQQRSMWPPVTFGQGTKLEIKRTVAAPSVFIFPPSDEQLKSGTASVVCLLNNFYPREAKVQWKVDNALQSGN
SQESVTEQDSKDSTYSLSSTLTLSKADYEKHKVYACEVTHQGLSSPVTKSFNRGEC
;
A,C
2 'polypeptide(L)'
;QVRLVESGGGVVQPGGSLRLSCEGSGFKFGDHGIHWVRQAPGEGLQWLTVISSDGTDERYTDSVKGRFTISRDNSKNTMS
LQMNNLRPEDMGLYYCARDGKCGGGRCYSGLLDYWGQGTMVTVSSASFKGPSVFPLAPSSKSTSGGTAALGCLVKDYFPE
PVTVSWNSGALTSGVHTFPAVLQSSGLYSLSSVVTVPSSSLGTQTYICNVNHKPSNTKVDKKVEPKSCDKTHTGLEHHHH
HH
;
B,D
#
# COMPACT_ATOMS: atom_id res chain seq x y z
N GLU A 2 36.44 -8.87 -12.45
CA GLU A 2 35.23 -9.28 -11.68
C GLU A 2 34.99 -10.76 -11.96
N ILE A 3 34.82 -11.53 -10.90
CA ILE A 3 34.66 -12.96 -11.09
C ILE A 3 33.32 -13.45 -11.59
N VAL A 4 33.42 -14.36 -12.52
CA VAL A 4 32.27 -14.91 -13.16
C VAL A 4 32.16 -16.41 -12.99
N LEU A 5 31.11 -16.80 -12.28
CA LEU A 5 30.82 -18.19 -12.02
C LEU A 5 29.87 -18.72 -13.06
N THR A 6 30.22 -19.87 -13.60
CA THR A 6 29.42 -20.51 -14.62
C THR A 6 29.05 -21.87 -14.06
N GLN A 7 27.75 -22.10 -13.93
CA GLN A 7 27.27 -23.35 -13.40
C GLN A 7 26.77 -24.29 -14.45
N SER A 8 26.99 -25.57 -14.21
CA SER A 8 26.53 -26.60 -15.12
C SER A 8 26.15 -27.79 -14.27
N PRO A 9 25.11 -28.51 -14.70
CA PRO A 9 24.43 -28.07 -15.91
C PRO A 9 23.44 -26.95 -15.55
N ALA A 10 22.63 -26.50 -16.52
CA ALA A 10 21.65 -25.44 -16.23
C ALA A 10 20.56 -26.12 -15.43
N THR A 11 20.08 -27.23 -15.96
CA THR A 11 19.08 -27.97 -15.24
C THR A 11 19.52 -29.42 -15.22
N LEU A 12 19.36 -30.06 -14.08
CA LEU A 12 19.75 -31.45 -13.89
C LEU A 12 18.48 -32.18 -13.52
N SER A 13 18.17 -33.22 -14.28
CA SER A 13 16.98 -33.98 -14.03
C SER A 13 17.40 -35.27 -13.39
N LEU A 14 16.93 -35.53 -12.20
CA LEU A 14 17.34 -36.74 -11.54
C LEU A 14 16.26 -37.36 -10.68
N SER A 15 16.51 -38.61 -10.30
CA SER A 15 15.60 -39.38 -9.47
C SER A 15 16.12 -39.51 -8.06
N PRO A 16 15.20 -39.66 -7.09
CA PRO A 16 15.71 -39.78 -5.72
C PRO A 16 16.40 -41.11 -5.48
N GLY A 17 17.52 -41.05 -4.76
CA GLY A 17 18.31 -42.24 -4.52
C GLY A 17 19.56 -42.07 -5.38
N GLU A 18 19.46 -41.25 -6.40
CA GLU A 18 20.58 -41.02 -7.30
C GLU A 18 21.55 -39.97 -6.81
N ARG A 19 22.70 -39.94 -7.46
CA ARG A 19 23.74 -38.99 -7.11
C ARG A 19 23.63 -37.78 -8.04
N ALA A 20 23.72 -36.59 -7.48
CA ALA A 20 23.65 -35.37 -8.25
C ALA A 20 25.01 -34.71 -8.18
N THR A 21 25.51 -34.25 -9.32
CA THR A 21 26.81 -33.61 -9.39
C THR A 21 26.72 -32.26 -10.07
N LEU A 22 26.93 -31.20 -9.31
CA LEU A 22 26.85 -29.85 -9.85
C LEU A 22 28.22 -29.20 -9.91
N SER A 23 28.48 -28.47 -10.99
CA SER A 23 29.74 -27.79 -11.18
C SER A 23 29.60 -26.28 -11.14
N CYS A 24 30.68 -25.62 -10.76
CA CYS A 24 30.74 -24.18 -10.68
C CYS A 24 32.16 -23.79 -11.11
N ARG A 25 32.28 -23.15 -12.27
CA ARG A 25 33.57 -22.72 -12.80
C ARG A 25 33.74 -21.23 -12.59
N ALA A 26 34.85 -20.83 -11.95
CA ALA A 26 35.15 -19.43 -11.73
C ALA A 26 36.02 -18.97 -12.90
N SER A 27 36.07 -17.67 -13.16
CA SER A 27 36.89 -17.19 -14.25
C SER A 27 38.31 -17.00 -13.72
N GLN A 28 38.49 -17.22 -12.42
CA GLN A 28 39.80 -17.06 -11.84
C GLN A 28 39.90 -17.43 -10.37
N SER A 29 40.74 -18.41 -10.08
CA SER A 29 40.98 -18.87 -8.73
C SER A 29 40.46 -17.91 -7.67
N VAL A 30 39.53 -18.42 -6.88
CA VAL A 30 38.97 -17.73 -5.73
C VAL A 30 39.44 -18.81 -4.74
N GLY A 31 40.10 -19.81 -5.32
CA GLY A 31 40.71 -20.91 -4.60
C GLY A 31 40.10 -21.83 -3.57
N GLY A 32 40.02 -21.42 -2.31
CA GLY A 32 39.31 -22.25 -1.35
C GLY A 32 37.97 -21.59 -1.50
N TYR A 33 37.86 -20.49 -0.80
CA TYR A 33 36.72 -19.60 -0.83
C TYR A 33 35.38 -19.80 -1.49
N LEU A 34 34.60 -20.85 -1.30
CA LEU A 34 33.40 -20.74 -2.13
C LEU A 34 32.11 -21.29 -1.68
N THR A 35 31.06 -20.51 -1.50
CA THR A 35 29.86 -21.20 -1.07
C THR A 35 28.84 -21.69 -2.04
N TRP A 36 28.04 -22.58 -1.49
CA TRP A 36 26.95 -23.24 -2.15
C TRP A 36 25.67 -22.93 -1.39
N TYR A 37 24.60 -22.61 -2.11
CA TYR A 37 23.33 -22.28 -1.50
C TYR A 37 22.20 -23.07 -2.09
N GLN A 38 21.19 -23.29 -1.27
CA GLN A 38 20.01 -24.01 -1.70
C GLN A 38 18.84 -23.02 -1.80
N HIS A 39 18.05 -23.15 -2.86
CA HIS A 39 16.91 -22.26 -2.97
C HIS A 39 15.66 -22.88 -3.51
N LYS A 40 14.64 -22.87 -2.67
CA LYS A 40 13.34 -23.38 -3.01
C LYS A 40 12.45 -22.18 -3.22
N PRO A 41 11.56 -22.24 -4.21
CA PRO A 41 10.65 -21.13 -4.47
C PRO A 41 9.81 -20.68 -3.28
N GLY A 42 9.81 -19.37 -3.05
CA GLY A 42 9.05 -18.80 -1.94
C GLY A 42 9.83 -18.91 -0.65
N GLN A 43 10.99 -19.54 -0.71
CA GLN A 43 11.77 -19.68 0.50
C GLN A 43 13.04 -18.89 0.48
N ALA A 44 13.62 -18.73 1.65
CA ALA A 44 14.86 -18.00 1.79
C ALA A 44 16.02 -18.93 1.41
N PRO A 45 17.06 -18.37 0.79
CA PRO A 45 18.21 -19.17 0.42
C PRO A 45 18.76 -19.83 1.69
N ARG A 46 19.51 -20.88 1.51
CA ARG A 46 19.99 -21.63 2.63
C ARG A 46 21.45 -21.95 2.41
N LEU A 47 22.30 -21.62 3.38
CA LEU A 47 23.70 -21.95 3.24
C LEU A 47 23.88 -23.44 3.46
N LEU A 48 24.58 -24.08 2.53
CA LEU A 48 24.86 -25.50 2.58
C LEU A 48 26.28 -25.77 3.01
N ILE A 49 27.22 -25.22 2.24
CA ILE A 49 28.63 -25.44 2.59
C ILE A 49 29.36 -24.25 2.09
N PHE A 50 30.32 -23.81 2.87
CA PHE A 50 31.16 -22.68 2.55
C PHE A 50 32.59 -23.17 2.55
N ASP A 51 33.49 -22.28 2.16
CA ASP A 51 34.89 -22.59 2.05
C ASP A 51 35.06 -23.87 1.25
N ALA A 52 34.11 -24.09 0.34
CA ALA A 52 34.13 -25.21 -0.58
C ALA A 52 33.87 -26.63 -0.14
N SER A 53 34.35 -27.03 1.03
CA SER A 53 34.16 -28.44 1.43
C SER A 53 33.41 -28.65 2.72
N ILE A 54 33.20 -27.57 3.44
CA ILE A 54 32.58 -27.69 4.74
C ILE A 54 31.10 -27.33 4.89
N ARG A 55 30.34 -28.33 5.32
CA ARG A 55 28.91 -28.18 5.55
C ARG A 55 28.66 -27.34 6.77
N ALA A 56 27.60 -26.55 6.73
CA ALA A 56 27.25 -25.75 7.88
C ALA A 56 26.38 -26.68 8.72
N THR A 57 26.05 -26.25 9.92
CA THR A 57 25.26 -27.07 10.82
C THR A 57 23.77 -27.17 10.49
N GLY A 58 23.30 -28.42 10.42
CA GLY A 58 21.93 -28.70 10.07
C GLY A 58 21.95 -29.27 8.67
N ILE A 59 23.02 -29.02 7.93
CA ILE A 59 23.07 -29.54 6.57
C ILE A 59 23.52 -31.00 6.62
N PRO A 60 22.75 -31.88 5.99
CA PRO A 60 22.93 -33.33 5.88
C PRO A 60 24.24 -33.73 5.25
N ALA A 61 24.57 -35.02 5.39
CA ALA A 61 25.78 -35.61 4.85
C ALA A 61 25.62 -35.94 3.38
N ARG A 62 24.38 -36.01 2.87
CA ARG A 62 24.23 -36.33 1.44
C ARG A 62 24.91 -35.26 0.57
N PHE A 63 25.31 -34.17 1.22
CA PHE A 63 25.94 -33.00 0.60
C PHE A 63 27.42 -32.79 0.81
N SER A 64 28.22 -32.86 -0.26
CA SER A 64 29.63 -32.58 -0.10
C SER A 64 30.20 -31.69 -1.20
N GLY A 65 31.07 -30.76 -0.77
CA GLY A 65 31.71 -29.84 -1.68
C GLY A 65 33.18 -30.18 -1.86
N SER A 66 33.68 -30.06 -3.07
CA SER A 66 35.05 -30.39 -3.35
C SER A 66 35.57 -29.38 -4.37
N GLY A 67 36.88 -29.19 -4.40
CA GLY A 67 37.41 -28.28 -5.39
C GLY A 67 38.34 -27.22 -4.93
N SER A 68 38.99 -26.64 -5.92
CA SER A 68 39.93 -25.58 -5.69
C SER A 68 40.13 -24.64 -6.86
N GLY A 69 40.35 -23.40 -6.45
CA GLY A 69 40.61 -22.29 -7.31
C GLY A 69 39.71 -21.97 -8.47
N THR A 70 39.54 -22.91 -9.38
CA THR A 70 38.78 -22.63 -10.57
C THR A 70 37.60 -23.55 -10.81
N ASP A 71 37.76 -24.79 -10.36
CA ASP A 71 36.72 -25.76 -10.57
C ASP A 71 36.22 -26.43 -9.32
N PHE A 72 34.91 -26.37 -9.19
CA PHE A 72 34.20 -26.85 -8.01
C PHE A 72 33.06 -27.79 -8.27
N THR A 73 32.84 -28.67 -7.33
CA THR A 73 31.77 -29.61 -7.48
C THR A 73 30.94 -29.76 -6.23
N LEU A 74 29.65 -29.95 -6.43
CA LEU A 74 28.73 -30.17 -5.34
C LEU A 74 28.09 -31.51 -5.67
N THR A 75 28.21 -32.42 -4.73
CA THR A 75 27.68 -33.76 -4.92
C THR A 75 26.60 -33.96 -3.87
N ILE A 76 25.43 -34.39 -4.30
CA ILE A 76 24.37 -34.70 -3.34
C ILE A 76 24.30 -36.15 -3.67
N THR A 77 24.90 -36.96 -2.81
CA THR A 77 25.01 -38.37 -3.10
C THR A 77 23.81 -39.31 -2.96
N ARG A 78 22.78 -39.00 -2.21
CA ARG A 78 21.63 -39.90 -2.29
C ARG A 78 20.37 -39.10 -2.00
N LEU A 79 19.91 -38.55 -3.13
CA LEU A 79 18.77 -37.66 -3.28
C LEU A 79 17.47 -37.96 -2.60
N GLU A 80 17.05 -36.99 -1.80
CA GLU A 80 15.81 -36.99 -1.07
C GLU A 80 14.95 -36.00 -1.87
N PRO A 81 13.61 -36.11 -1.81
CA PRO A 81 12.70 -35.22 -2.54
C PRO A 81 12.82 -33.76 -2.13
N GLU A 82 13.37 -33.53 -0.93
CA GLU A 82 13.55 -32.18 -0.40
C GLU A 82 14.73 -31.44 -1.03
N ASP A 83 15.39 -32.05 -2.00
CA ASP A 83 16.54 -31.39 -2.60
C ASP A 83 16.41 -30.89 -3.87
N PHE A 84 15.28 -31.19 -4.42
CA PHE A 84 15.06 -30.67 -5.69
C PHE A 84 14.83 -29.24 -5.36
N ALA A 85 15.80 -28.44 -5.75
CA ALA A 85 15.72 -27.03 -5.55
C ALA A 85 16.64 -26.45 -6.58
N VAL A 86 17.00 -25.20 -6.37
CA VAL A 86 17.93 -24.53 -7.24
C VAL A 86 19.17 -24.38 -6.38
N TYR A 87 20.32 -24.61 -6.99
CA TYR A 87 21.58 -24.48 -6.30
C TYR A 87 22.43 -23.39 -6.91
N TYR A 88 23.02 -22.59 -6.05
CA TYR A 88 23.85 -21.47 -6.49
C TYR A 88 25.21 -21.53 -5.87
N CYS A 89 26.22 -21.13 -6.62
CA CYS A 89 27.53 -21.05 -6.03
C CYS A 89 27.80 -19.58 -5.86
N GLN A 90 28.60 -19.26 -4.87
CA GLN A 90 28.92 -17.87 -4.60
C GLN A 90 30.35 -17.73 -4.13
N GLN A 91 31.04 -16.79 -4.75
CA GLN A 91 32.44 -16.55 -4.46
C GLN A 91 32.68 -15.39 -3.51
N ARG A 92 33.81 -15.42 -2.82
CA ARG A 92 34.13 -14.36 -1.88
C ARG A 92 35.63 -14.21 -1.65
N SER A 93 36.40 -14.24 -2.73
CA SER A 93 37.84 -14.04 -2.61
C SER A 93 38.02 -12.59 -3.03
N MET A 94 37.44 -12.28 -4.19
CA MET A 94 37.51 -10.94 -4.77
C MET A 94 36.15 -10.29 -4.82
N TRP A 95 35.88 -9.42 -3.87
CA TRP A 95 34.63 -8.69 -3.82
C TRP A 95 34.89 -7.43 -3.05
N PRO A 96 34.01 -6.44 -3.20
CA PRO A 96 32.81 -6.55 -4.06
C PRO A 96 33.29 -6.42 -5.53
N PRO A 97 32.58 -7.05 -6.48
CA PRO A 97 31.42 -7.81 -6.08
C PRO A 97 31.43 -9.31 -6.03
N VAL A 98 30.76 -9.69 -4.97
CA VAL A 98 30.40 -10.97 -4.46
C VAL A 98 29.61 -11.48 -5.65
N THR A 99 30.05 -12.60 -6.20
CA THR A 99 29.38 -13.11 -7.37
C THR A 99 28.64 -14.41 -7.13
N PHE A 100 27.76 -14.73 -8.06
CA PHE A 100 26.96 -15.96 -8.01
C PHE A 100 26.95 -16.56 -9.40
N GLY A 101 26.62 -17.84 -9.48
CA GLY A 101 26.49 -18.50 -10.76
C GLY A 101 25.02 -18.27 -11.05
N GLN A 102 24.54 -18.67 -12.22
CA GLN A 102 23.15 -18.47 -12.55
C GLN A 102 22.26 -19.57 -11.98
N GLY A 103 22.85 -20.43 -11.16
CA GLY A 103 22.11 -21.52 -10.53
C GLY A 103 21.95 -22.75 -11.41
N THR A 104 21.71 -23.89 -10.78
CA THR A 104 21.47 -25.13 -11.48
C THR A 104 20.18 -25.52 -10.86
N LYS A 105 19.28 -26.03 -11.68
CA LYS A 105 18.01 -26.43 -11.20
C LYS A 105 18.00 -27.95 -11.13
N LEU A 106 17.79 -28.46 -9.92
CA LEU A 106 17.72 -29.90 -9.72
C LEU A 106 16.25 -30.21 -9.73
N GLU A 107 15.84 -30.90 -10.78
CA GLU A 107 14.46 -31.28 -11.02
C GLU A 107 14.36 -32.80 -11.03
N ILE A 108 13.13 -33.28 -10.87
CA ILE A 108 12.83 -34.70 -10.81
C ILE A 108 12.63 -35.43 -12.11
N LYS A 109 13.39 -36.50 -12.29
CA LYS A 109 13.20 -37.28 -13.49
C LYS A 109 12.02 -38.15 -13.28
N ARG A 110 11.22 -38.17 -14.32
CA ARG A 110 9.97 -38.85 -14.32
C ARG A 110 9.95 -39.46 -15.68
N THR A 111 8.91 -40.25 -15.96
CA THR A 111 8.73 -40.85 -17.26
C THR A 111 8.10 -39.78 -18.12
N VAL A 112 8.16 -39.95 -19.42
CA VAL A 112 7.58 -38.97 -20.29
C VAL A 112 6.08 -39.05 -20.17
N ALA A 113 5.46 -37.89 -19.99
CA ALA A 113 4.02 -37.80 -19.91
C ALA A 113 3.71 -36.76 -20.97
N ALA A 114 2.84 -37.10 -21.89
CA ALA A 114 2.48 -36.17 -22.94
C ALA A 114 1.36 -35.26 -22.43
N PRO A 115 1.32 -34.03 -22.91
CA PRO A 115 0.31 -33.05 -22.51
C PRO A 115 -1.10 -33.29 -23.04
N SER A 116 -2.09 -32.93 -22.23
CA SER A 116 -3.47 -33.00 -22.62
C SER A 116 -3.62 -31.55 -23.06
N VAL A 117 -4.15 -31.32 -24.24
CA VAL A 117 -4.25 -29.97 -24.74
C VAL A 117 -5.66 -29.45 -24.87
N PHE A 118 -5.80 -28.19 -24.49
CA PHE A 118 -7.07 -27.50 -24.49
C PHE A 118 -6.94 -26.13 -25.10
N ILE A 119 -7.90 -25.77 -25.93
CA ILE A 119 -7.87 -24.45 -26.47
C ILE A 119 -9.14 -23.77 -25.99
N PHE A 120 -9.02 -22.48 -25.71
CA PHE A 120 -10.11 -21.67 -25.19
C PHE A 120 -10.33 -20.41 -25.98
N PRO A 121 -11.54 -20.19 -26.48
CA PRO A 121 -11.81 -18.98 -27.24
C PRO A 121 -12.03 -17.83 -26.26
N PRO A 122 -12.00 -16.61 -26.76
CA PRO A 122 -12.20 -15.41 -25.96
C PRO A 122 -13.68 -15.33 -25.61
N SER A 123 -13.97 -14.80 -24.42
CA SER A 123 -15.33 -14.63 -23.97
C SER A 123 -15.93 -13.49 -24.77
N ASP A 124 -17.26 -13.47 -24.86
CA ASP A 124 -17.95 -12.39 -25.56
C ASP A 124 -17.72 -11.12 -24.79
N GLU A 125 -17.70 -11.26 -23.48
CA GLU A 125 -17.51 -10.13 -22.60
C GLU A 125 -16.21 -9.41 -22.87
N GLN A 126 -15.15 -10.16 -23.10
CA GLN A 126 -13.87 -9.54 -23.35
C GLN A 126 -13.87 -8.79 -24.67
N LEU A 127 -14.47 -9.41 -25.68
CA LEU A 127 -14.56 -8.86 -27.03
C LEU A 127 -15.24 -7.53 -27.10
N LYS A 128 -15.98 -7.19 -26.06
CA LYS A 128 -16.65 -5.89 -26.10
C LYS A 128 -15.70 -4.82 -25.73
N SER A 129 -14.72 -5.17 -24.93
CA SER A 129 -13.74 -4.16 -24.52
C SER A 129 -12.69 -3.89 -25.61
N GLY A 130 -12.83 -4.60 -26.73
CA GLY A 130 -11.97 -4.40 -27.87
C GLY A 130 -10.75 -5.26 -28.01
N THR A 131 -10.54 -6.21 -27.09
CA THR A 131 -9.39 -7.10 -27.18
C THR A 131 -9.85 -8.54 -27.13
N ALA A 132 -9.00 -9.45 -27.56
CA ALA A 132 -9.35 -10.86 -27.57
C ALA A 132 -8.20 -11.72 -27.09
N SER A 133 -8.46 -12.56 -26.10
CA SER A 133 -7.43 -13.45 -25.62
C SER A 133 -7.79 -14.91 -25.91
N VAL A 134 -6.91 -15.60 -26.64
CA VAL A 134 -7.11 -17.01 -26.95
C VAL A 134 -6.11 -17.72 -26.03
N VAL A 135 -6.56 -18.77 -25.36
CA VAL A 135 -5.72 -19.49 -24.43
C VAL A 135 -5.55 -20.96 -24.76
N CYS A 136 -4.33 -21.44 -24.64
CA CYS A 136 -4.05 -22.82 -24.92
C CYS A 136 -3.40 -23.39 -23.67
N LEU A 137 -3.98 -24.45 -23.14
CA LEU A 137 -3.47 -25.11 -21.95
C LEU A 137 -2.80 -26.45 -22.27
N LEU A 138 -1.60 -26.64 -21.75
CA LEU A 138 -0.89 -27.90 -21.89
C LEU A 138 -0.92 -28.46 -20.48
N ASN A 139 -1.62 -29.57 -20.25
CA ASN A 139 -1.73 -30.12 -18.91
C ASN A 139 -0.94 -31.40 -18.58
N ASN A 140 -0.26 -31.31 -17.41
CA ASN A 140 0.66 -32.29 -16.79
C ASN A 140 1.44 -33.21 -17.68
N PHE A 141 2.54 -32.66 -18.14
CA PHE A 141 3.48 -33.32 -19.03
C PHE A 141 4.85 -33.33 -18.42
N TYR A 142 5.66 -34.26 -18.88
CA TYR A 142 7.04 -34.37 -18.48
C TYR A 142 7.67 -34.90 -19.74
N PRO A 143 8.82 -34.34 -20.13
CA PRO A 143 9.38 -33.28 -19.29
C PRO A 143 8.87 -31.90 -19.59
N ARG A 144 9.59 -30.93 -19.04
CA ARG A 144 9.24 -29.54 -19.15
C ARG A 144 9.27 -28.86 -20.50
N GLU A 145 10.19 -29.27 -21.35
CA GLU A 145 10.31 -28.61 -22.63
C GLU A 145 9.12 -28.92 -23.51
N ALA A 146 8.45 -27.86 -23.94
CA ALA A 146 7.29 -27.99 -24.79
C ALA A 146 7.32 -26.84 -25.74
N LYS A 147 6.51 -26.93 -26.77
CA LYS A 147 6.52 -25.90 -27.78
C LYS A 147 5.10 -25.61 -28.21
N VAL A 148 4.72 -24.35 -28.13
CA VAL A 148 3.40 -23.92 -28.51
C VAL A 148 3.50 -23.06 -29.72
N GLN A 149 2.69 -23.35 -30.71
CA GLN A 149 2.71 -22.57 -31.90
C GLN A 149 1.29 -22.20 -32.27
N TRP A 150 1.03 -20.91 -32.24
CA TRP A 150 -0.27 -20.38 -32.56
C TRP A 150 -0.37 -20.16 -34.05
N LYS A 151 -1.55 -20.44 -34.58
CA LYS A 151 -1.82 -20.25 -35.98
C LYS A 151 -3.15 -19.59 -36.14
N VAL A 152 -3.20 -18.55 -36.95
CA VAL A 152 -4.47 -17.88 -37.21
C VAL A 152 -4.71 -17.95 -38.71
N ASP A 153 -5.74 -18.68 -39.09
CA ASP A 153 -6.07 -18.84 -40.48
C ASP A 153 -4.83 -19.32 -41.27
N ASN A 154 -4.12 -20.28 -40.68
CA ASN A 154 -2.95 -20.86 -41.28
C ASN A 154 -1.66 -20.02 -41.21
N ALA A 155 -1.73 -18.82 -40.66
CA ALA A 155 -0.52 -18.00 -40.58
C ALA A 155 0.11 -18.25 -39.22
N LEU A 156 1.41 -18.49 -39.21
CA LEU A 156 2.10 -18.71 -37.95
C LEU A 156 2.26 -17.37 -37.22
N GLN A 157 1.85 -17.35 -35.97
CA GLN A 157 1.94 -16.14 -35.16
C GLN A 157 3.23 -16.13 -34.38
N SER A 158 3.81 -14.96 -34.20
CA SER A 158 5.01 -14.84 -33.41
C SER A 158 5.05 -13.45 -32.79
N GLY A 159 5.42 -13.36 -31.53
CA GLY A 159 5.50 -12.07 -30.89
C GLY A 159 4.22 -11.57 -30.26
N ASN A 160 3.10 -12.26 -30.48
CA ASN A 160 1.85 -11.86 -29.85
C ASN A 160 1.27 -12.89 -28.85
N SER A 161 2.18 -13.63 -28.20
CA SER A 161 1.83 -14.64 -27.22
C SER A 161 2.70 -14.44 -26.02
N GLN A 162 2.26 -14.93 -24.88
CA GLN A 162 3.03 -14.89 -23.66
C GLN A 162 2.74 -16.24 -23.04
N GLU A 163 3.68 -16.74 -22.26
CA GLU A 163 3.58 -18.07 -21.69
C GLU A 163 3.94 -18.12 -20.22
N SER A 164 3.47 -19.16 -19.55
CA SER A 164 3.72 -19.34 -18.12
C SER A 164 3.76 -20.84 -17.80
N VAL A 165 4.70 -21.27 -16.96
CA VAL A 165 4.72 -22.68 -16.59
C VAL A 165 4.65 -22.85 -15.06
N THR A 166 3.91 -23.83 -14.59
CA THR A 166 3.81 -24.06 -13.15
C THR A 166 5.06 -24.74 -12.67
N GLU A 167 5.23 -24.80 -11.36
CA GLU A 167 6.37 -25.49 -10.78
C GLU A 167 6.06 -26.98 -10.90
N GLN A 168 7.08 -27.81 -10.82
CA GLN A 168 6.86 -29.23 -10.91
C GLN A 168 5.98 -29.69 -9.73
N ASP A 169 4.94 -30.46 -10.05
CA ASP A 169 3.99 -30.97 -9.09
C ASP A 169 4.59 -31.82 -7.98
N SER A 170 4.22 -31.53 -6.75
CA SER A 170 4.69 -32.22 -5.55
C SER A 170 4.23 -33.67 -5.52
N LYS A 171 3.24 -33.98 -6.32
CA LYS A 171 2.61 -35.28 -6.34
C LYS A 171 2.81 -36.16 -7.59
N ASP A 172 2.86 -35.45 -8.72
CA ASP A 172 2.93 -35.90 -10.10
C ASP A 172 4.32 -35.83 -10.73
N SER A 173 4.97 -34.71 -10.41
CA SER A 173 6.25 -34.34 -10.94
C SER A 173 6.04 -33.83 -12.35
N THR A 174 4.82 -33.36 -12.61
CA THR A 174 4.45 -32.83 -13.93
C THR A 174 4.55 -31.33 -13.97
N TYR A 175 4.39 -30.79 -15.16
CA TYR A 175 4.43 -29.36 -15.41
C TYR A 175 3.23 -29.09 -16.28
N SER A 176 2.72 -27.88 -16.20
CA SER A 176 1.60 -27.49 -17.03
C SER A 176 2.01 -26.15 -17.58
N LEU A 177 1.47 -25.79 -18.73
CA LEU A 177 1.83 -24.54 -19.35
C LEU A 177 0.62 -23.83 -19.86
N SER A 178 0.66 -22.51 -19.74
CA SER A 178 -0.42 -21.68 -20.22
C SER A 178 0.11 -20.67 -21.23
N SER A 179 -0.54 -20.61 -22.39
CA SER A 179 -0.15 -19.69 -23.42
C SER A 179 -1.35 -18.85 -23.80
N THR A 180 -1.16 -17.54 -23.88
CA THR A 180 -2.22 -16.65 -24.26
C THR A 180 -1.81 -15.92 -25.53
N LEU A 181 -2.63 -16.04 -26.54
CA LEU A 181 -2.41 -15.35 -27.78
C LEU A 181 -3.32 -14.13 -27.66
N THR A 182 -2.77 -12.94 -27.80
CA THR A 182 -3.59 -11.74 -27.69
C THR A 182 -3.61 -10.99 -29.01
N LEU A 183 -4.81 -10.56 -29.39
CA LEU A 183 -5.04 -9.79 -30.59
C LEU A 183 -6.18 -8.84 -30.41
N SER A 184 -6.24 -7.87 -31.30
CA SER A 184 -7.31 -6.92 -31.28
C SER A 184 -8.58 -7.65 -31.66
N LYS A 185 -9.67 -7.00 -31.32
CA LYS A 185 -10.97 -7.52 -31.60
C LYS A 185 -11.24 -7.45 -33.10
N ALA A 186 -10.75 -6.39 -33.73
CA ALA A 186 -10.90 -6.21 -35.17
C ALA A 186 -10.19 -7.34 -35.92
N ASP A 187 -9.01 -7.73 -35.45
CA ASP A 187 -8.30 -8.83 -36.08
C ASP A 187 -8.97 -10.17 -35.83
N TYR A 188 -9.42 -10.35 -34.60
CA TYR A 188 -10.06 -11.60 -34.23
C TYR A 188 -11.26 -11.86 -35.09
N GLU A 189 -12.00 -10.81 -35.39
CA GLU A 189 -13.20 -10.93 -36.20
C GLU A 189 -12.98 -11.06 -37.66
N LYS A 190 -11.80 -10.72 -38.17
CA LYS A 190 -11.66 -10.94 -39.62
C LYS A 190 -11.04 -12.31 -39.90
N HIS A 191 -10.74 -13.08 -38.86
CA HIS A 191 -10.20 -14.40 -39.11
C HIS A 191 -11.10 -15.50 -38.60
N LYS A 192 -10.79 -16.69 -39.08
CA LYS A 192 -11.60 -17.83 -38.82
C LYS A 192 -11.04 -18.96 -37.98
N VAL A 193 -9.91 -19.49 -38.40
CA VAL A 193 -9.31 -20.63 -37.75
C VAL A 193 -8.23 -20.27 -36.77
N TYR A 194 -8.44 -20.72 -35.54
CA TYR A 194 -7.58 -20.47 -34.41
C TYR A 194 -7.09 -21.78 -33.92
N ALA A 195 -5.79 -21.99 -34.08
CA ALA A 195 -5.25 -23.25 -33.67
C ALA A 195 -4.04 -23.13 -32.78
N CYS A 196 -3.88 -24.16 -31.96
CA CYS A 196 -2.78 -24.27 -31.03
C CYS A 196 -2.05 -25.58 -31.35
N GLU A 197 -0.80 -25.46 -31.82
CA GLU A 197 0.01 -26.64 -32.17
C GLU A 197 1.03 -26.89 -31.09
N VAL A 198 1.01 -28.08 -30.52
CA VAL A 198 1.92 -28.42 -29.44
C VAL A 198 2.89 -29.48 -29.84
N THR A 199 4.15 -29.24 -29.53
CA THR A 199 5.21 -30.15 -29.86
C THR A 199 5.83 -30.55 -28.54
N HIS A 200 5.88 -31.86 -28.33
CA HIS A 200 6.40 -32.39 -27.09
C HIS A 200 6.90 -33.81 -27.26
N GLN A 201 7.93 -34.15 -26.51
CA GLN A 201 8.53 -35.45 -26.68
C GLN A 201 7.68 -36.68 -26.36
N GLY A 202 6.48 -36.45 -25.86
CA GLY A 202 5.57 -37.54 -25.56
C GLY A 202 4.62 -37.75 -26.72
N LEU A 203 4.75 -36.95 -27.76
CA LEU A 203 3.90 -37.05 -28.93
C LEU A 203 4.73 -37.58 -30.11
N SER A 204 4.16 -38.44 -30.95
CA SER A 204 4.92 -38.93 -32.12
C SER A 204 4.93 -37.75 -33.08
N SER A 205 3.88 -36.95 -33.02
CA SER A 205 3.80 -35.77 -33.85
C SER A 205 2.95 -34.71 -33.18
N PRO A 206 3.07 -33.47 -33.66
CA PRO A 206 2.34 -32.33 -33.12
C PRO A 206 0.83 -32.47 -32.97
N VAL A 207 0.33 -32.04 -31.82
CA VAL A 207 -1.08 -32.05 -31.56
C VAL A 207 -1.59 -30.63 -31.83
N THR A 208 -2.72 -30.53 -32.50
CA THR A 208 -3.32 -29.26 -32.83
C THR A 208 -4.77 -29.21 -32.37
N LYS A 209 -5.08 -28.23 -31.52
CA LYS A 209 -6.44 -28.01 -31.07
C LYS A 209 -6.83 -26.71 -31.73
N SER A 210 -8.02 -26.67 -32.31
CA SER A 210 -8.47 -25.48 -32.99
C SER A 210 -9.96 -25.31 -32.80
N PHE A 211 -10.45 -24.17 -33.25
CA PHE A 211 -11.85 -23.82 -33.21
C PHE A 211 -12.00 -22.77 -34.29
N ASN A 212 -13.18 -22.70 -34.85
CA ASN A 212 -13.48 -21.72 -35.86
C ASN A 212 -14.34 -20.71 -35.17
N ARG A 213 -14.06 -19.43 -35.39
CA ARG A 213 -14.85 -18.37 -34.77
C ARG A 213 -16.21 -18.55 -35.39
N GLY A 214 -17.18 -18.77 -34.53
CA GLY A 214 -18.54 -19.05 -34.95
C GLY A 214 -18.82 -20.34 -34.19
N GLN B 1 16.66 -19.30 16.66
CA GLN B 1 15.47 -18.61 16.08
C GLN B 1 15.94 -17.29 15.51
N VAL B 2 16.93 -17.43 14.63
CA VAL B 2 17.55 -16.37 13.86
C VAL B 2 16.48 -15.92 12.88
N ARG B 3 16.14 -14.65 12.90
CA ARG B 3 15.14 -14.17 11.97
C ARG B 3 15.62 -12.86 11.37
N LEU B 4 15.47 -12.75 10.06
CA LEU B 4 15.83 -11.54 9.34
C LEU B 4 14.54 -11.26 8.61
N VAL B 5 13.98 -10.09 8.89
CA VAL B 5 12.71 -9.74 8.29
C VAL B 5 12.81 -8.45 7.53
N GLU B 6 12.51 -8.52 6.24
CA GLU B 6 12.56 -7.34 5.42
C GLU B 6 11.22 -6.66 5.39
N SER B 7 11.26 -5.34 5.29
CA SER B 7 10.06 -4.54 5.24
C SER B 7 10.35 -3.41 4.25
N GLY B 8 9.35 -2.58 3.97
CA GLY B 8 9.55 -1.47 3.07
C GLY B 8 9.19 -1.63 1.61
N GLY B 9 9.41 -2.80 1.03
CA GLY B 9 9.13 -2.99 -0.38
C GLY B 9 7.80 -2.38 -0.79
N GLY B 10 7.57 -2.30 -2.10
CA GLY B 10 6.34 -1.72 -2.57
C GLY B 10 6.44 -1.35 -4.02
N VAL B 11 5.52 -0.51 -4.45
CA VAL B 11 5.49 -0.07 -5.81
C VAL B 11 5.99 1.34 -5.86
N VAL B 12 6.60 1.67 -6.99
CA VAL B 12 7.16 2.98 -7.17
C VAL B 12 7.25 3.26 -8.64
N GLN B 13 7.40 4.53 -8.96
CA GLN B 13 7.53 4.96 -10.34
C GLN B 13 9.01 5.09 -10.67
N PRO B 14 9.39 4.91 -11.94
CA PRO B 14 10.79 5.01 -12.35
C PRO B 14 11.30 6.38 -11.94
N GLY B 15 12.47 6.45 -11.32
CA GLY B 15 13.00 7.74 -10.92
C GLY B 15 12.61 8.06 -9.50
N GLY B 16 11.88 7.14 -8.88
CA GLY B 16 11.42 7.33 -7.51
C GLY B 16 12.29 6.64 -6.48
N SER B 17 11.87 6.65 -5.21
CA SER B 17 12.65 6.01 -4.18
C SER B 17 11.84 5.25 -3.13
N LEU B 18 12.55 4.37 -2.43
CA LEU B 18 11.99 3.56 -1.37
C LEU B 18 13.07 3.42 -0.33
N ARG B 19 12.62 3.09 0.87
CA ARG B 19 13.50 2.88 1.99
C ARG B 19 13.20 1.49 2.48
N LEU B 20 14.17 0.60 2.38
CA LEU B 20 13.92 -0.75 2.86
C LEU B 20 14.41 -0.91 4.29
N SER B 21 14.10 -2.03 4.91
CA SER B 21 14.45 -2.23 6.30
C SER B 21 14.56 -3.70 6.61
N CYS B 22 15.50 -4.04 7.50
CA CYS B 22 15.77 -5.42 7.90
C CYS B 22 15.90 -5.48 9.42
N GLU B 23 15.01 -6.22 10.06
CA GLU B 23 15.05 -6.35 11.52
C GLU B 23 15.62 -7.71 11.90
N GLY B 24 16.64 -7.71 12.75
CA GLY B 24 17.28 -8.95 13.19
C GLY B 24 16.67 -9.54 14.45
N SER B 25 17.00 -10.80 14.75
CA SER B 25 16.45 -11.47 15.92
C SER B 25 17.13 -12.81 16.24
N GLY B 26 17.17 -13.14 17.53
CA GLY B 26 17.76 -14.40 17.94
C GLY B 26 19.26 -14.36 17.83
N PHE B 27 19.85 -13.17 17.88
CA PHE B 27 21.30 -13.07 17.80
C PHE B 27 21.76 -11.65 17.98
N LYS B 28 23.00 -11.50 18.45
CA LYS B 28 23.53 -10.17 18.66
C LYS B 28 24.25 -9.54 17.49
N PHE B 29 23.36 -8.75 16.93
CA PHE B 29 23.29 -7.95 15.75
C PHE B 29 24.22 -6.81 15.33
N GLY B 30 25.04 -6.21 16.17
CA GLY B 30 25.90 -5.19 15.59
C GLY B 30 27.07 -5.93 15.13
N ASP B 31 27.15 -7.06 15.81
CA ASP B 31 28.21 -8.03 15.61
C ASP B 31 28.41 -8.47 14.20
N HIS B 32 27.34 -8.62 13.45
CA HIS B 32 27.57 -8.95 12.09
C HIS B 32 27.11 -7.91 11.14
N GLY B 33 27.78 -7.98 10.02
CA GLY B 33 27.48 -7.11 8.92
C GLY B 33 26.24 -7.56 8.18
N ILE B 34 25.72 -6.63 7.38
CA ILE B 34 24.52 -6.93 6.66
C ILE B 34 24.51 -6.61 5.18
N HIS B 35 24.00 -7.60 4.45
CA HIS B 35 23.89 -7.66 3.01
C HIS B 35 22.49 -7.51 2.42
N TRP B 36 22.45 -6.99 1.20
CA TRP B 36 21.21 -6.91 0.45
C TRP B 36 21.55 -7.62 -0.82
N VAL B 37 20.70 -8.55 -1.20
CA VAL B 37 20.89 -9.27 -2.44
C VAL B 37 19.53 -9.30 -3.08
N ARG B 38 19.49 -9.10 -4.38
CA ARG B 38 18.21 -9.07 -5.04
C ARG B 38 18.00 -10.09 -6.12
N GLN B 39 16.74 -10.46 -6.30
CA GLN B 39 16.42 -11.44 -7.30
C GLN B 39 15.30 -10.97 -8.21
N ALA B 40 15.68 -10.56 -9.41
CA ALA B 40 14.71 -10.13 -10.40
C ALA B 40 14.09 -11.44 -10.90
N PRO B 41 12.90 -11.34 -11.53
CA PRO B 41 12.06 -12.41 -12.08
C PRO B 41 12.62 -13.15 -13.30
N GLY B 42 12.78 -14.46 -13.15
CA GLY B 42 13.34 -15.29 -14.21
C GLY B 42 14.84 -15.10 -14.14
N GLU B 43 15.30 -14.68 -12.98
CA GLU B 43 16.71 -14.43 -12.78
C GLU B 43 17.28 -15.01 -11.51
N GLY B 44 18.58 -14.88 -11.40
CA GLY B 44 19.28 -15.42 -10.27
C GLY B 44 19.44 -14.42 -9.17
N LEU B 45 20.56 -14.52 -8.48
CA LEU B 45 20.87 -13.64 -7.37
C LEU B 45 22.01 -12.72 -7.73
N GLN B 46 21.88 -11.47 -7.33
CA GLN B 46 22.95 -10.53 -7.57
C GLN B 46 23.05 -9.75 -6.30
N TRP B 47 24.29 -9.55 -5.89
CA TRP B 47 24.61 -8.85 -4.67
C TRP B 47 24.54 -7.35 -4.91
N LEU B 48 24.16 -6.59 -3.87
CA LEU B 48 24.04 -5.15 -4.04
C LEU B 48 24.79 -4.32 -3.02
N THR B 49 24.80 -4.77 -1.78
CA THR B 49 25.44 -3.97 -0.78
C THR B 49 25.58 -4.65 0.57
N VAL B 50 26.49 -4.10 1.37
CA VAL B 50 26.72 -4.60 2.70
C VAL B 50 27.16 -3.44 3.54
N ILE B 51 26.79 -3.48 4.79
CA ILE B 51 27.19 -2.45 5.71
C ILE B 51 27.89 -3.22 6.80
N SER B 52 29.11 -2.81 7.13
CA SER B 52 29.85 -3.49 8.18
C SER B 52 28.92 -3.67 9.37
N SER B 53 29.43 -4.31 10.39
CA SER B 53 28.66 -4.58 11.57
C SER B 53 28.82 -3.50 12.63
N ASP B 54 29.36 -2.34 12.30
CA ASP B 54 29.47 -1.38 13.39
C ASP B 54 28.80 -0.08 12.98
N GLY B 55 29.04 0.31 11.73
CA GLY B 55 28.52 1.54 11.19
C GLY B 55 29.48 2.14 10.22
N THR B 56 30.70 1.63 10.25
CA THR B 56 31.75 2.20 9.41
C THR B 56 32.00 1.78 7.96
N ASP B 57 32.16 0.52 7.59
CA ASP B 57 32.33 0.35 6.14
C ASP B 57 31.01 0.05 5.44
N GLU B 58 30.90 0.52 4.21
CA GLU B 58 29.70 0.33 3.42
C GLU B 58 30.20 0.09 2.01
N ARG B 59 29.84 -1.05 1.43
CA ARG B 59 30.23 -1.34 0.07
C ARG B 59 28.97 -1.27 -0.72
N TYR B 60 29.13 -1.14 -2.02
CA TYR B 60 28.00 -1.09 -2.91
C TYR B 60 28.52 -1.73 -4.16
N THR B 61 27.62 -2.13 -5.04
CA THR B 61 28.10 -2.66 -6.28
C THR B 61 28.01 -1.46 -7.19
N ASP B 62 28.85 -1.42 -8.22
CA ASP B 62 28.87 -0.36 -9.23
C ASP B 62 27.54 0.28 -9.55
N SER B 63 26.58 -0.60 -9.82
CA SER B 63 25.23 -0.25 -10.24
C SER B 63 24.26 0.58 -9.37
N VAL B 64 24.41 0.57 -8.06
CA VAL B 64 23.50 1.34 -7.21
C VAL B 64 24.36 2.44 -6.58
N LYS B 65 25.62 2.43 -7.00
CA LYS B 65 26.56 3.43 -6.52
C LYS B 65 26.01 4.75 -6.98
N GLY B 66 25.79 5.61 -6.00
CA GLY B 66 25.20 6.92 -6.25
C GLY B 66 23.75 6.93 -5.89
N ARG B 67 23.00 5.97 -6.42
CA ARG B 67 21.56 5.83 -6.18
C ARG B 67 21.08 5.28 -4.83
N PHE B 68 21.90 4.43 -4.23
CA PHE B 68 21.62 3.75 -2.96
C PHE B 68 22.53 4.09 -1.78
N THR B 69 21.94 4.19 -0.60
CA THR B 69 22.68 4.42 0.61
C THR B 69 22.19 3.50 1.74
N ILE B 70 23.11 2.77 2.36
CA ILE B 70 22.76 1.84 3.44
C ILE B 70 23.06 2.35 4.85
N SER B 71 22.55 1.68 5.88
CA SER B 71 22.76 2.12 7.26
C SER B 71 22.24 1.13 8.30
N ARG B 72 22.52 1.41 9.58
CA ARG B 72 22.01 0.58 10.66
C ARG B 72 21.88 1.35 11.96
N ASP B 73 21.39 0.66 12.98
CA ASP B 73 21.16 1.22 14.30
C ASP B 73 20.96 0.02 15.22
N ASN B 74 22.06 -0.66 15.54
CA ASN B 74 22.02 -1.85 16.38
C ASN B 74 21.18 -1.83 17.64
N SER B 75 21.09 -0.68 18.30
CA SER B 75 20.28 -0.52 19.52
C SER B 75 18.82 -0.81 19.24
N LYS B 76 18.51 -0.95 17.96
CA LYS B 76 17.13 -1.21 17.55
C LYS B 76 16.96 -2.47 16.76
N ASN B 77 18.07 -3.02 16.29
CA ASN B 77 18.08 -4.25 15.51
C ASN B 77 17.54 -4.07 14.13
N THR B 78 17.79 -2.90 13.56
CA THR B 78 17.33 -2.71 12.21
C THR B 78 18.56 -2.45 11.40
N MET B 79 18.36 -1.85 10.27
CA MET B 79 19.42 -1.55 9.35
C MET B 79 18.46 -1.04 8.30
N SER B 80 18.94 -0.29 7.33
CA SER B 80 17.99 0.21 6.34
C SER B 80 18.70 0.61 5.08
N LEU B 81 17.98 0.56 3.98
CA LEU B 81 18.57 0.97 2.73
C LEU B 81 17.59 1.82 1.97
N GLN B 82 18.07 3.02 1.71
CA GLN B 82 17.36 4.05 0.99
C GLN B 82 17.79 3.86 -0.44
N MET B 83 16.83 3.69 -1.33
CA MET B 83 17.14 3.50 -2.73
C MET B 83 16.48 4.65 -3.46
N ASN B 84 17.26 5.37 -4.27
CA ASN B 84 16.73 6.50 -5.01
C ASN B 84 16.88 6.32 -6.51
N ASN B 85 16.27 7.24 -7.25
CA ASN B 85 16.24 7.19 -8.71
C ASN B 85 16.26 5.74 -9.10
N LEU B 86 15.11 5.10 -8.87
CA LEU B 86 14.90 3.70 -9.16
C LEU B 86 14.55 3.42 -10.59
N ARG B 87 15.17 2.38 -11.11
CA ARG B 87 14.96 1.97 -12.48
C ARG B 87 14.36 0.59 -12.46
N PRO B 88 13.88 0.12 -13.61
CA PRO B 88 13.28 -1.20 -13.79
C PRO B 88 14.32 -2.27 -14.08
N GLU B 89 15.43 -2.20 -13.36
CA GLU B 89 16.51 -3.18 -13.44
C GLU B 89 16.54 -3.43 -11.94
N ASP B 90 15.96 -2.46 -11.23
CA ASP B 90 15.91 -2.50 -9.79
C ASP B 90 14.76 -3.33 -9.32
N MET B 91 13.85 -3.63 -10.23
CA MET B 91 12.68 -4.42 -9.89
C MET B 91 13.01 -5.84 -9.52
N GLY B 92 12.53 -6.26 -8.36
CA GLY B 92 12.76 -7.61 -7.95
C GLY B 92 12.49 -7.84 -6.48
N LEU B 93 12.99 -8.97 -6.03
CA LEU B 93 12.85 -9.40 -4.65
C LEU B 93 14.15 -9.08 -3.94
N TYR B 94 14.03 -8.41 -2.79
CA TYR B 94 15.21 -8.01 -2.03
C TYR B 94 15.32 -8.78 -0.72
N TYR B 95 16.45 -9.46 -0.55
CA TYR B 95 16.70 -10.21 0.67
C TYR B 95 17.79 -9.54 1.49
N CYS B 96 17.64 -9.56 2.80
CA CYS B 96 18.75 -9.07 3.57
C CYS B 96 19.30 -10.38 4.10
N ALA B 97 20.61 -10.50 4.06
CA ALA B 97 21.24 -11.72 4.53
C ALA B 97 22.33 -11.32 5.48
N ARG B 98 22.47 -12.10 6.54
CA ARG B 98 23.49 -11.83 7.52
C ARG B 98 24.86 -12.24 7.02
N ASP B 99 25.87 -11.67 7.65
CA ASP B 99 27.24 -11.94 7.29
C ASP B 99 27.82 -12.84 8.38
N GLY B 100 28.80 -13.67 8.01
CA GLY B 100 29.39 -14.58 8.98
C GLY B 100 30.11 -13.89 10.13
N LYS B 101 30.22 -14.58 11.26
CA LYS B 101 30.95 -13.98 12.37
C LYS B 101 32.34 -13.89 11.80
N TYR B 108 35.03 -8.58 7.20
CA TYR B 108 34.09 -9.06 6.19
C TYR B 108 34.18 -10.56 5.91
N SER B 109 33.14 -11.28 6.31
CA SER B 109 33.05 -12.71 6.08
C SER B 109 32.74 -12.95 4.61
N GLY B 110 31.79 -12.23 4.01
CA GLY B 110 31.51 -12.50 2.61
C GLY B 110 30.73 -13.77 2.52
N LEU B 111 30.17 -14.11 3.67
CA LEU B 111 29.38 -15.33 3.88
C LEU B 111 27.97 -15.03 4.33
N LEU B 112 27.01 -15.16 3.44
CA LEU B 112 25.64 -14.90 3.87
C LEU B 112 25.19 -16.20 4.51
N ASP B 113 25.17 -16.24 5.85
CA ASP B 113 24.77 -17.48 6.49
C ASP B 113 23.28 -17.68 6.83
N TYR B 114 22.50 -16.61 6.93
CA TYR B 114 21.06 -16.78 7.10
C TYR B 114 20.50 -15.70 6.24
N TRP B 115 19.38 -16.01 5.61
CA TRP B 115 18.74 -15.08 4.73
C TRP B 115 17.32 -14.86 5.17
N GLY B 116 16.76 -13.77 4.68
CA GLY B 116 15.38 -13.47 4.97
C GLY B 116 14.58 -13.96 3.77
N GLN B 117 13.28 -13.71 3.77
CA GLN B 117 12.45 -14.14 2.67
C GLN B 117 12.37 -13.13 1.58
N GLY B 118 12.55 -11.87 1.96
CA GLY B 118 12.55 -10.79 0.99
C GLY B 118 11.30 -9.95 0.91
N THR B 119 11.49 -8.72 0.47
CA THR B 119 10.37 -7.85 0.28
C THR B 119 10.45 -7.55 -1.20
N MET B 120 9.30 -7.24 -1.77
CA MET B 120 9.22 -7.01 -3.19
C MET B 120 9.19 -5.56 -3.62
N VAL B 121 10.02 -5.26 -4.60
CA VAL B 121 10.10 -3.92 -5.14
C VAL B 121 9.62 -3.97 -6.58
N THR B 122 8.71 -3.06 -6.90
CA THR B 122 8.09 -2.96 -8.20
C THR B 122 8.31 -1.57 -8.76
N VAL B 123 8.83 -1.45 -9.96
CA VAL B 123 9.03 -0.13 -10.54
C VAL B 123 8.20 -0.04 -11.79
N SER B 124 7.14 0.75 -11.75
CA SER B 124 6.27 0.82 -12.90
C SER B 124 5.58 2.17 -12.92
N SER B 125 5.24 2.64 -14.11
CA SER B 125 4.50 3.90 -14.17
C SER B 125 3.02 3.53 -14.29
N ALA B 126 2.72 2.24 -14.19
CA ALA B 126 1.35 1.76 -14.30
C ALA B 126 0.56 2.08 -13.04
N SER B 127 -0.71 2.42 -13.23
CA SER B 127 -1.56 2.72 -12.10
C SER B 127 -2.26 1.47 -11.64
N PHE B 128 -2.52 1.43 -10.35
CA PHE B 128 -3.21 0.31 -9.72
C PHE B 128 -4.48 0.04 -10.43
N LYS B 129 -4.78 -1.23 -10.51
CA LYS B 129 -6.00 -1.60 -11.17
C LYS B 129 -6.42 -3.00 -10.83
N GLY B 130 -7.72 -3.15 -10.63
CA GLY B 130 -8.28 -4.44 -10.33
C GLY B 130 -8.53 -5.23 -11.61
N PRO B 131 -8.45 -6.56 -11.53
CA PRO B 131 -8.62 -7.49 -12.64
C PRO B 131 -10.00 -7.63 -13.28
N SER B 132 -10.00 -7.92 -14.57
CA SER B 132 -11.21 -8.20 -15.32
C SER B 132 -11.12 -9.72 -15.31
N VAL B 133 -12.16 -10.40 -14.89
CA VAL B 133 -12.06 -11.85 -14.86
C VAL B 133 -12.92 -12.51 -15.91
N PHE B 134 -12.27 -13.20 -16.84
CA PHE B 134 -12.96 -13.82 -17.96
C PHE B 134 -13.01 -15.32 -17.84
N PRO B 135 -13.98 -15.94 -18.49
CA PRO B 135 -14.09 -17.38 -18.40
C PRO B 135 -13.38 -18.16 -19.50
N LEU B 136 -12.83 -19.30 -19.13
CA LEU B 136 -12.18 -20.22 -20.06
C LEU B 136 -13.19 -21.36 -20.00
N ALA B 137 -14.11 -21.37 -20.94
CA ALA B 137 -15.18 -22.36 -20.95
C ALA B 137 -14.81 -23.69 -21.58
N PRO B 138 -15.22 -24.77 -20.93
CA PRO B 138 -15.05 -26.18 -21.26
C PRO B 138 -16.01 -26.60 -22.36
N SER B 139 -15.75 -27.74 -23.00
CA SER B 139 -16.65 -28.28 -24.01
C SER B 139 -16.59 -29.75 -23.71
N THR B 147 -12.82 -36.27 -19.12
CA THR B 147 -12.44 -35.10 -18.30
C THR B 147 -12.41 -33.81 -19.16
N ALA B 148 -12.84 -32.71 -18.56
CA ALA B 148 -12.87 -31.39 -19.17
C ALA B 148 -11.92 -30.44 -18.45
N ALA B 149 -11.63 -29.32 -19.11
CA ALA B 149 -10.78 -28.31 -18.54
C ALA B 149 -11.54 -26.98 -18.59
N LEU B 150 -11.40 -26.16 -17.57
CA LEU B 150 -12.05 -24.87 -17.51
C LEU B 150 -11.22 -24.00 -16.59
N GLY B 151 -11.42 -22.70 -16.69
CA GLY B 151 -10.66 -21.79 -15.86
C GLY B 151 -11.15 -20.37 -15.94
N CYS B 152 -10.32 -19.49 -15.38
CA CYS B 152 -10.57 -18.08 -15.35
C CYS B 152 -9.35 -17.34 -15.86
N LEU B 153 -9.57 -16.30 -16.64
CA LEU B 153 -8.49 -15.48 -17.17
C LEU B 153 -8.48 -14.19 -16.34
N VAL B 154 -7.51 -14.04 -15.45
CA VAL B 154 -7.45 -12.85 -14.59
C VAL B 154 -6.59 -11.83 -15.31
N LYS B 155 -7.27 -10.89 -15.94
CA LYS B 155 -6.60 -9.93 -16.77
C LYS B 155 -6.59 -8.44 -16.48
N ASP B 156 -5.43 -7.85 -16.76
CA ASP B 156 -5.18 -6.43 -16.62
C ASP B 156 -5.27 -5.91 -15.21
N TYR B 157 -4.39 -6.41 -14.36
CA TYR B 157 -4.33 -5.97 -12.99
C TYR B 157 -2.91 -5.51 -12.68
N PHE B 158 -2.80 -4.66 -11.67
CA PHE B 158 -1.50 -4.11 -11.25
C PHE B 158 -1.80 -3.55 -9.85
N PRO B 159 -0.88 -3.80 -8.88
CA PRO B 159 0.25 -4.70 -9.18
C PRO B 159 0.02 -6.11 -8.71
N GLU B 160 1.08 -6.90 -8.66
CA GLU B 160 1.02 -8.25 -8.14
C GLU B 160 0.84 -7.98 -6.64
N PRO B 161 0.20 -8.92 -5.93
CA PRO B 161 -0.28 -10.20 -6.48
C PRO B 161 -1.80 -10.40 -6.44
N VAL B 162 -2.25 -11.54 -6.96
CA VAL B 162 -3.66 -11.94 -6.89
C VAL B 162 -3.66 -13.40 -6.45
N THR B 163 -4.72 -13.83 -5.76
CA THR B 163 -4.85 -15.21 -5.34
C THR B 163 -6.14 -15.69 -6.00
N VAL B 164 -6.20 -16.98 -6.31
CA VAL B 164 -7.37 -17.55 -6.93
C VAL B 164 -7.77 -18.79 -6.17
N SER B 165 -9.07 -18.96 -5.95
CA SER B 165 -9.63 -20.11 -5.30
C SER B 165 -10.68 -20.59 -6.23
N TRP B 166 -11.09 -21.83 -6.02
CA TRP B 166 -12.16 -22.41 -6.79
C TRP B 166 -13.15 -22.89 -5.76
N ASN B 167 -14.40 -22.50 -5.97
CA ASN B 167 -15.51 -22.83 -5.07
C ASN B 167 -15.21 -22.56 -3.60
N SER B 168 -14.67 -21.38 -3.35
CA SER B 168 -14.37 -20.93 -2.01
C SER B 168 -13.44 -21.82 -1.20
N GLY B 169 -12.56 -22.55 -1.88
CA GLY B 169 -11.63 -23.41 -1.17
C GLY B 169 -11.92 -24.88 -1.29
N ALA B 170 -13.17 -25.20 -1.64
CA ALA B 170 -13.66 -26.58 -1.79
C ALA B 170 -13.23 -27.37 -3.04
N LEU B 171 -12.74 -26.69 -4.08
CA LEU B 171 -12.25 -27.39 -5.28
C LEU B 171 -10.76 -27.10 -5.19
N THR B 172 -9.98 -28.15 -4.97
CA THR B 172 -8.57 -28.00 -4.74
C THR B 172 -7.72 -28.89 -5.62
N SER B 173 -8.36 -29.91 -6.16
CA SER B 173 -7.73 -30.93 -7.00
C SER B 173 -7.82 -30.65 -8.50
N GLY B 174 -6.71 -30.81 -9.19
CA GLY B 174 -6.69 -30.55 -10.61
C GLY B 174 -6.71 -29.06 -10.85
N VAL B 175 -6.24 -28.28 -9.87
CA VAL B 175 -6.22 -26.85 -10.04
C VAL B 175 -4.81 -26.38 -10.33
N HIS B 176 -4.68 -25.63 -11.40
CA HIS B 176 -3.40 -25.07 -11.75
C HIS B 176 -3.53 -23.59 -11.86
N THR B 177 -2.92 -22.87 -10.93
CA THR B 177 -2.93 -21.43 -11.04
C THR B 177 -1.53 -21.03 -11.44
N PHE B 178 -1.46 -20.44 -12.61
CA PHE B 178 -0.21 -20.02 -13.23
C PHE B 178 0.39 -18.70 -12.79
N PRO B 179 1.71 -18.56 -12.96
CA PRO B 179 2.48 -17.36 -12.61
C PRO B 179 1.91 -16.31 -13.55
N ALA B 180 1.82 -15.05 -13.13
CA ALA B 180 1.29 -14.02 -14.01
C ALA B 180 2.32 -13.62 -15.06
N VAL B 181 1.86 -12.97 -16.11
CA VAL B 181 2.73 -12.51 -17.16
C VAL B 181 2.48 -11.00 -17.26
N LEU B 182 3.56 -10.24 -17.47
CA LEU B 182 3.50 -8.80 -17.60
C LEU B 182 3.39 -8.45 -19.07
N GLN B 183 2.32 -7.75 -19.42
CA GLN B 183 2.04 -7.33 -20.78
C GLN B 183 2.70 -5.97 -20.99
N SER B 184 2.62 -5.46 -22.22
CA SER B 184 3.20 -4.17 -22.55
C SER B 184 2.52 -3.02 -21.87
N SER B 185 1.22 -3.15 -21.64
CA SER B 185 0.45 -2.12 -20.95
C SER B 185 1.05 -1.89 -19.58
N GLY B 186 1.76 -2.91 -19.10
CA GLY B 186 2.36 -2.86 -17.79
C GLY B 186 1.40 -3.51 -16.82
N LEU B 187 0.31 -4.05 -17.35
CA LEU B 187 -0.68 -4.76 -16.56
C LEU B 187 -0.35 -6.25 -16.59
N TYR B 188 -0.70 -6.95 -15.53
CA TYR B 188 -0.46 -8.37 -15.47
C TYR B 188 -1.62 -9.17 -15.98
N SER B 189 -1.36 -10.44 -16.21
CA SER B 189 -2.40 -11.30 -16.69
C SER B 189 -2.09 -12.69 -16.28
N LEU B 190 -3.09 -13.38 -15.76
CA LEU B 190 -2.90 -14.75 -15.36
C LEU B 190 -4.06 -15.67 -15.62
N SER B 191 -3.75 -16.95 -15.49
CA SER B 191 -4.66 -18.04 -15.75
C SER B 191 -4.78 -18.99 -14.58
N SER B 192 -5.99 -19.49 -14.36
CA SER B 192 -6.23 -20.48 -13.33
C SER B 192 -7.16 -21.51 -13.94
N VAL B 193 -6.70 -22.74 -14.02
CA VAL B 193 -7.52 -23.78 -14.61
C VAL B 193 -7.73 -24.92 -13.66
N VAL B 194 -8.70 -25.75 -14.00
CA VAL B 194 -8.98 -26.89 -13.20
C VAL B 194 -9.52 -27.95 -14.14
N THR B 195 -9.13 -29.20 -13.92
CA THR B 195 -9.61 -30.28 -14.75
C THR B 195 -10.66 -31.00 -13.93
N VAL B 196 -11.76 -31.33 -14.56
CA VAL B 196 -12.86 -31.98 -13.86
C VAL B 196 -13.50 -33.02 -14.77
N PRO B 197 -14.47 -33.78 -14.23
CA PRO B 197 -15.21 -34.82 -14.95
C PRO B 197 -16.20 -34.12 -15.88
N SER B 198 -16.29 -34.60 -17.11
CA SER B 198 -17.20 -34.03 -18.10
C SER B 198 -18.65 -34.31 -17.78
N SER B 199 -18.87 -35.22 -16.84
CA SER B 199 -20.20 -35.64 -16.39
C SER B 199 -20.78 -34.65 -15.37
N SER B 200 -19.86 -33.94 -14.71
CA SER B 200 -20.20 -32.93 -13.69
C SER B 200 -20.52 -31.58 -14.31
N LEU B 201 -20.20 -31.38 -15.57
CA LEU B 201 -20.42 -30.08 -16.17
C LEU B 201 -21.78 -29.35 -16.04
N GLY B 202 -22.88 -30.04 -16.36
CA GLY B 202 -24.19 -29.45 -16.24
C GLY B 202 -24.78 -29.66 -14.87
N THR B 203 -24.01 -30.25 -13.97
CA THR B 203 -24.49 -30.53 -12.62
C THR B 203 -23.81 -29.68 -11.54
N GLN B 204 -22.48 -29.73 -11.52
CA GLN B 204 -21.69 -28.99 -10.54
C GLN B 204 -21.36 -27.57 -10.94
N THR B 205 -21.45 -26.64 -9.99
CA THR B 205 -21.15 -25.25 -10.24
C THR B 205 -19.68 -25.04 -10.00
N TYR B 206 -19.06 -24.20 -10.82
CA TYR B 206 -17.64 -23.90 -10.72
C TYR B 206 -17.44 -22.40 -10.71
N ILE B 207 -16.91 -21.90 -9.61
CA ILE B 207 -16.70 -20.47 -9.47
C ILE B 207 -15.28 -20.17 -9.03
N CYS B 208 -14.59 -19.28 -9.74
CA CYS B 208 -13.24 -18.96 -9.31
C CYS B 208 -13.32 -17.68 -8.50
N ASN B 209 -12.63 -17.69 -7.38
CA ASN B 209 -12.63 -16.56 -6.47
C ASN B 209 -11.29 -15.85 -6.59
N VAL B 210 -11.36 -14.62 -7.06
CA VAL B 210 -10.16 -13.85 -7.27
C VAL B 210 -10.03 -12.74 -6.25
N ASN B 211 -8.87 -12.70 -5.62
CA ASN B 211 -8.61 -11.68 -4.65
C ASN B 211 -7.35 -10.92 -5.00
N HIS B 212 -7.52 -9.63 -5.28
CA HIS B 212 -6.43 -8.73 -5.59
C HIS B 212 -6.39 -7.69 -4.48
N LYS B 213 -5.71 -7.99 -3.40
CA LYS B 213 -5.64 -7.08 -2.25
C LYS B 213 -5.05 -5.70 -2.49
N PRO B 214 -4.04 -5.60 -3.33
CA PRO B 214 -3.45 -4.29 -3.62
C PRO B 214 -4.46 -3.24 -4.06
N SER B 215 -5.55 -3.67 -4.70
CA SER B 215 -6.55 -2.70 -5.17
C SER B 215 -7.88 -2.75 -4.42
N ASN B 216 -7.94 -3.60 -3.40
CA ASN B 216 -9.14 -3.81 -2.59
C ASN B 216 -10.20 -4.33 -3.53
N THR B 217 -9.85 -5.34 -4.33
CA THR B 217 -10.78 -5.88 -5.29
C THR B 217 -10.99 -7.37 -5.21
N LYS B 218 -12.28 -7.75 -5.21
CA LYS B 218 -12.71 -9.14 -5.19
C LYS B 218 -13.66 -9.42 -6.31
N VAL B 219 -13.45 -10.52 -7.01
CA VAL B 219 -14.29 -10.93 -8.10
C VAL B 219 -14.51 -12.42 -7.99
N ASP B 220 -15.74 -12.83 -8.24
CA ASP B 220 -16.07 -14.23 -8.27
C ASP B 220 -16.56 -14.41 -9.68
N LYS B 221 -16.03 -15.39 -10.37
CA LYS B 221 -16.49 -15.59 -11.71
C LYS B 221 -17.01 -16.98 -11.87
N LYS B 222 -18.24 -17.06 -12.36
CA LYS B 222 -18.85 -18.34 -12.60
C LYS B 222 -18.48 -18.79 -13.99
N VAL B 223 -18.05 -20.03 -14.10
CA VAL B 223 -17.67 -20.55 -15.39
C VAL B 223 -18.55 -21.74 -15.75
N GLU B 224 -19.32 -21.62 -16.81
CA GLU B 224 -20.12 -22.77 -17.24
C GLU B 224 -19.85 -23.03 -18.72
N PRO B 225 -20.35 -24.15 -19.24
CA PRO B 225 -20.22 -24.63 -20.63
C PRO B 225 -20.70 -23.76 -21.80
N GLU C 2 -22.35 5.79 31.75
CA GLU C 2 -21.33 6.53 30.95
C GLU C 2 -21.35 7.99 31.33
N ILE C 3 -20.42 8.75 30.79
CA ILE C 3 -20.37 10.04 31.38
C ILE C 3 -19.99 11.07 30.31
N VAL C 4 -20.85 12.07 30.16
CA VAL C 4 -20.75 13.09 29.13
C VAL C 4 -20.16 14.44 29.42
N LEU C 5 -19.15 14.75 28.61
CA LEU C 5 -18.45 16.01 28.71
C LEU C 5 -18.89 16.94 27.60
N THR C 6 -19.42 18.06 28.02
CA THR C 6 -19.87 19.05 27.07
C THR C 6 -18.91 20.21 27.17
N GLN C 7 -18.45 20.67 26.02
CA GLN C 7 -17.52 21.77 25.99
C GLN C 7 -18.13 23.02 25.44
N SER C 8 -17.57 24.14 25.86
CA SER C 8 -18.09 25.42 25.48
C SER C 8 -17.03 26.51 25.60
N PRO C 9 -16.94 27.38 24.59
CA PRO C 9 -17.80 27.29 23.41
C PRO C 9 -17.31 26.20 22.44
N ALA C 10 -17.70 26.29 21.17
CA ALA C 10 -17.25 25.32 20.17
C ALA C 10 -16.00 25.92 19.59
N THR C 11 -16.04 27.23 19.38
CA THR C 11 -14.86 27.87 18.86
C THR C 11 -14.73 29.23 19.50
N LEU C 12 -13.55 29.43 20.05
CA LEU C 12 -13.23 30.65 20.74
C LEU C 12 -12.41 31.46 19.79
N SER C 13 -12.95 32.58 19.37
CA SER C 13 -12.20 33.43 18.47
C SER C 13 -11.57 34.41 19.39
N LEU C 14 -10.27 34.55 19.25
CA LEU C 14 -9.57 35.43 20.13
C LEU C 14 -8.25 35.83 19.53
N SER C 15 -7.72 36.96 20.00
CA SER C 15 -6.43 37.47 19.50
C SER C 15 -5.26 37.17 20.45
N PRO C 16 -4.00 37.23 19.95
CA PRO C 16 -2.80 36.95 20.76
C PRO C 16 -2.42 37.96 21.85
N GLY C 17 -2.54 37.57 23.13
CA GLY C 17 -2.18 38.44 24.23
C GLY C 17 -3.37 38.51 25.13
N GLU C 18 -4.50 38.06 24.61
CA GLU C 18 -5.72 38.06 25.40
C GLU C 18 -5.78 36.82 26.21
N ARG C 19 -6.94 36.59 26.81
CA ARG C 19 -7.07 35.46 27.66
C ARG C 19 -8.28 34.62 27.35
N ALA C 20 -8.06 33.32 27.27
CA ALA C 20 -9.13 32.40 26.98
C ALA C 20 -9.58 31.61 28.19
N THR C 21 -10.89 31.45 28.30
CA THR C 21 -11.44 30.66 29.37
C THR C 21 -12.19 29.63 28.58
N LEU C 22 -11.91 28.36 28.85
CA LEU C 22 -12.56 27.28 28.17
C LEU C 22 -13.30 26.48 29.21
N SER C 23 -14.42 25.90 28.84
CA SER C 23 -15.20 25.17 29.81
C SER C 23 -15.60 23.75 29.43
N CYS C 24 -15.72 22.92 30.45
CA CYS C 24 -16.05 21.53 30.29
C CYS C 24 -16.96 21.20 31.44
N ARG C 25 -18.18 20.79 31.15
CA ARG C 25 -19.09 20.45 32.23
C ARG C 25 -19.34 18.96 32.09
N ALA C 26 -19.39 18.25 33.20
CA ALA C 26 -19.61 16.82 33.17
C ALA C 26 -21.07 16.56 33.46
N SER C 27 -21.53 15.35 33.20
CA SER C 27 -22.92 15.02 33.48
C SER C 27 -23.03 14.66 34.95
N GLN C 28 -22.15 13.80 35.45
CA GLN C 28 -22.16 13.50 36.87
C GLN C 28 -20.80 14.01 37.29
N SER C 29 -20.58 14.18 38.59
CA SER C 29 -19.29 14.66 39.04
C SER C 29 -18.17 13.66 38.76
N VAL C 30 -17.01 14.19 38.41
CA VAL C 30 -15.84 13.37 38.13
C VAL C 30 -14.83 13.76 39.20
N GLY C 31 -15.29 14.62 40.11
CA GLY C 31 -14.44 15.09 41.19
C GLY C 31 -13.39 16.00 40.60
N GLY C 32 -12.13 15.64 40.73
CA GLY C 32 -11.06 16.45 40.18
C GLY C 32 -10.40 15.74 39.03
N TYR C 33 -10.93 14.55 38.72
CA TYR C 33 -10.38 13.74 37.63
C TYR C 33 -10.64 14.24 36.25
N LEU C 34 -10.28 15.48 36.01
CA LEU C 34 -10.51 16.00 34.69
C LEU C 34 -9.15 16.31 34.12
N THR C 35 -8.95 15.92 32.88
CA THR C 35 -7.69 16.17 32.19
C THR C 35 -7.90 17.05 30.95
N TRP C 36 -6.95 17.93 30.69
CA TRP C 36 -7.00 18.82 29.54
C TRP C 36 -5.91 18.48 28.54
N TYR C 37 -6.27 18.48 27.26
CA TYR C 37 -5.32 18.16 26.20
C TYR C 37 -5.24 19.24 25.13
N GLN C 38 -4.06 19.44 24.57
CA GLN C 38 -3.90 20.40 23.49
C GLN C 38 -3.73 19.52 22.25
N HIS C 39 -4.31 19.94 21.12
CA HIS C 39 -4.17 19.15 19.90
C HIS C 39 -4.25 19.96 18.63
N LYS C 40 -3.17 19.88 17.85
CA LYS C 40 -3.12 20.57 16.58
C LYS C 40 -3.17 19.57 15.45
N PRO C 41 -3.77 19.97 14.33
CA PRO C 41 -3.85 19.04 13.20
C PRO C 41 -2.44 18.56 12.75
N GLY C 42 -2.33 17.27 12.51
CA GLY C 42 -1.06 16.68 12.08
C GLY C 42 -0.19 16.25 13.22
N GLN C 43 -0.37 16.88 14.36
CA GLN C 43 0.47 16.60 15.53
C GLN C 43 -0.15 15.64 16.49
N ALA C 44 0.61 15.30 17.52
CA ALA C 44 0.13 14.38 18.53
C ALA C 44 -0.49 15.20 19.63
N PRO C 45 -1.50 14.65 20.30
CA PRO C 45 -2.14 15.35 21.40
C PRO C 45 -1.12 15.52 22.51
N ARG C 46 -1.40 16.48 23.37
CA ARG C 46 -0.50 16.82 24.42
C ARG C 46 -1.20 16.98 25.74
N LEU C 47 -0.72 16.30 26.77
CA LEU C 47 -1.33 16.46 28.06
C LEU C 47 -0.90 17.84 28.55
N LEU C 48 -1.84 18.63 29.04
CA LEU C 48 -1.55 19.96 29.55
C LEU C 48 -1.71 20.03 31.04
N ILE C 49 -2.89 19.59 31.47
CA ILE C 49 -3.32 19.61 32.85
C ILE C 49 -4.06 18.35 33.30
N PHE C 50 -3.69 17.83 34.45
CA PHE C 50 -4.42 16.70 34.97
C PHE C 50 -4.88 17.06 36.37
N ASP C 51 -5.89 16.32 36.83
CA ASP C 51 -6.50 16.55 38.13
C ASP C 51 -6.92 18.00 38.29
N ALA C 52 -7.61 18.47 37.27
CA ALA C 52 -8.15 19.81 37.21
C ALA C 52 -7.21 20.97 37.34
N SER C 53 -6.24 20.89 38.22
CA SER C 53 -5.37 22.04 38.43
C SER C 53 -3.88 21.76 38.31
N ILE C 54 -3.52 20.51 38.08
CA ILE C 54 -2.10 20.21 38.01
C ILE C 54 -1.49 20.28 36.64
N ARG C 55 -0.45 21.09 36.55
CA ARG C 55 0.24 21.27 35.30
C ARG C 55 1.23 20.16 35.02
N ALA C 56 1.26 19.76 33.77
CA ALA C 56 2.15 18.70 33.34
C ALA C 56 3.54 19.29 33.20
N THR C 57 4.55 18.45 33.17
CA THR C 57 5.88 19.01 33.03
C THR C 57 6.09 19.46 31.58
N GLY C 58 6.76 20.59 31.40
CA GLY C 58 7.01 21.10 30.07
C GLY C 58 5.97 22.15 29.72
N ILE C 59 4.90 22.22 30.49
CA ILE C 59 3.87 23.16 30.13
C ILE C 59 3.98 24.51 30.82
N PRO C 60 4.01 25.56 30.01
CA PRO C 60 4.12 26.94 30.49
C PRO C 60 3.00 27.28 31.47
N ALA C 61 3.26 28.22 32.38
CA ALA C 61 2.31 28.63 33.42
C ALA C 61 1.12 29.48 32.97
N ARG C 62 1.04 29.88 31.70
CA ARG C 62 -0.16 30.66 31.29
C ARG C 62 -1.35 29.70 31.22
N PHE C 63 -1.05 28.41 31.22
CA PHE C 63 -2.09 27.39 31.21
C PHE C 63 -2.32 27.11 32.69
N SER C 64 -3.58 27.19 33.09
CA SER C 64 -3.96 26.96 34.46
C SER C 64 -5.28 26.22 34.41
N GLY C 65 -5.55 25.43 35.43
CA GLY C 65 -6.79 24.68 35.47
C GLY C 65 -7.57 24.97 36.74
N SER C 66 -8.89 24.76 36.68
CA SER C 66 -9.70 25.01 37.86
C SER C 66 -10.98 24.18 37.89
N GLY C 67 -11.46 23.84 39.08
CA GLY C 67 -12.70 23.11 39.16
C GLY C 67 -12.76 21.74 39.79
N SER C 68 -13.99 21.34 40.06
CA SER C 68 -14.29 20.06 40.65
C SER C 68 -15.74 19.70 40.39
N GLY C 69 -16.06 18.42 40.48
CA GLY C 69 -17.42 17.99 40.30
C GLY C 69 -17.92 17.92 38.87
N THR C 70 -18.54 19.00 38.41
CA THR C 70 -19.08 19.03 37.06
C THR C 70 -18.70 20.27 36.23
N ASP C 71 -18.10 21.26 36.87
CA ASP C 71 -17.71 22.45 36.13
C ASP C 71 -16.22 22.65 36.19
N PHE C 72 -15.61 22.73 35.02
CA PHE C 72 -14.18 22.93 34.95
C PHE C 72 -13.84 24.04 34.03
N THR C 73 -12.68 24.59 34.25
CA THR C 73 -12.27 25.67 33.44
C THR C 73 -10.82 25.60 33.15
N LEU C 74 -10.53 25.88 31.90
CA LEU C 74 -9.17 25.93 31.43
C LEU C 74 -9.00 27.40 31.10
N THR C 75 -7.83 27.92 31.46
CA THR C 75 -7.55 29.32 31.26
C THR C 75 -6.18 29.54 30.66
N ILE C 76 -6.10 30.46 29.72
CA ILE C 76 -4.82 30.79 29.13
C ILE C 76 -4.76 32.30 29.10
N THR C 77 -3.57 32.81 29.42
CA THR C 77 -3.34 34.25 29.53
C THR C 77 -2.65 34.89 28.34
N ARG C 78 -1.41 35.34 28.51
CA ARG C 78 -0.68 35.95 27.41
C ARG C 78 -0.80 34.91 26.31
N LEU C 79 -1.74 35.09 25.40
CA LEU C 79 -1.85 34.10 24.37
C LEU C 79 -0.64 34.20 23.49
N GLU C 80 -0.03 33.05 23.25
CA GLU C 80 1.12 32.97 22.40
C GLU C 80 0.48 32.40 21.13
N PRO C 81 1.10 32.61 19.96
CA PRO C 81 0.54 32.09 18.71
C PRO C 81 0.56 30.56 18.56
N GLU C 82 1.32 29.89 19.43
CA GLU C 82 1.40 28.43 19.41
C GLU C 82 0.21 27.87 20.16
N ASP C 83 -0.51 28.75 20.84
CA ASP C 83 -1.63 28.32 21.63
C ASP C 83 -2.90 28.11 20.87
N PHE C 84 -2.99 28.64 19.66
CA PHE C 84 -4.18 28.45 18.87
C PHE C 84 -4.19 27.02 18.35
N ALA C 85 -5.08 26.23 18.92
CA ALA C 85 -5.20 24.83 18.57
C ALA C 85 -6.58 24.37 19.02
N VAL C 86 -6.75 23.07 19.20
CA VAL C 86 -8.03 22.56 19.66
C VAL C 86 -7.76 21.96 21.03
N TYR C 87 -8.74 22.10 21.92
CA TYR C 87 -8.64 21.64 23.28
C TYR C 87 -9.71 20.67 23.72
N TYR C 88 -9.27 19.57 24.32
CA TYR C 88 -10.14 18.52 24.80
C TYR C 88 -10.07 18.31 26.30
N CYS C 89 -11.20 17.93 26.90
CA CYS C 89 -11.19 17.60 28.30
C CYS C 89 -11.49 16.12 28.33
N GLN C 90 -11.08 15.47 29.40
CA GLN C 90 -11.28 14.04 29.51
C GLN C 90 -11.43 13.71 30.98
N GLN C 91 -12.16 12.63 31.24
CA GLN C 91 -12.40 12.20 32.62
C GLN C 91 -11.78 10.87 32.93
N ARG C 92 -11.24 10.74 34.14
CA ARG C 92 -10.69 9.46 34.54
C ARG C 92 -11.21 9.06 35.91
N SER C 93 -12.48 9.41 36.16
CA SER C 93 -13.18 9.09 37.41
C SER C 93 -13.91 7.76 37.28
N MET C 94 -14.87 7.68 36.36
CA MET C 94 -15.58 6.43 36.14
C MET C 94 -15.23 5.89 34.78
N TRP C 95 -14.34 4.92 34.74
CA TRP C 95 -13.97 4.34 33.47
C TRP C 95 -13.58 2.91 33.70
N PRO C 96 -13.79 2.05 32.67
CA PRO C 96 -14.35 2.56 31.42
C PRO C 96 -15.85 2.94 31.35
N PRO C 97 -16.22 3.63 30.26
CA PRO C 97 -15.13 3.91 29.34
C PRO C 97 -14.58 5.30 29.53
N VAL C 98 -13.36 5.52 29.05
CA VAL C 98 -12.78 6.84 29.16
C VAL C 98 -13.54 7.74 28.21
N THR C 99 -13.85 8.94 28.66
CA THR C 99 -14.60 9.85 27.83
C THR C 99 -13.98 11.22 27.66
N PHE C 100 -14.30 11.82 26.53
CA PHE C 100 -13.78 13.14 26.17
C PHE C 100 -14.90 14.08 25.84
N GLY C 101 -14.56 15.37 25.87
CA GLY C 101 -15.50 16.37 25.45
C GLY C 101 -15.28 16.34 23.95
N GLN C 102 -16.10 17.07 23.20
CA GLN C 102 -16.00 17.10 21.75
C GLN C 102 -14.97 18.14 21.33
N GLY C 103 -14.40 18.85 22.30
CA GLY C 103 -13.38 19.83 21.99
C GLY C 103 -13.88 21.24 21.76
N THR C 104 -12.97 22.20 21.85
CA THR C 104 -13.26 23.60 21.64
C THR C 104 -12.12 24.06 20.78
N LYS C 105 -12.43 24.76 19.69
CA LYS C 105 -11.42 25.22 18.79
C LYS C 105 -11.05 26.66 19.07
N LEU C 106 -9.77 26.85 19.36
CA LEU C 106 -9.24 28.16 19.63
C LEU C 106 -8.69 28.75 18.35
N GLU C 107 -9.43 29.67 17.78
CA GLU C 107 -9.01 30.30 16.54
C GLU C 107 -8.58 31.72 16.82
N ILE C 108 -7.93 32.30 15.82
CA ILE C 108 -7.44 33.66 15.89
C ILE C 108 -8.52 34.62 15.45
N LYS C 109 -8.63 35.72 16.17
CA LYS C 109 -9.60 36.73 15.84
C LYS C 109 -8.92 37.69 14.92
N ARG C 110 -9.65 38.08 13.90
CA ARG C 110 -9.14 38.93 12.86
C ARG C 110 -10.23 39.88 12.37
N THR C 111 -9.81 40.87 11.61
CA THR C 111 -10.71 41.85 11.01
C THR C 111 -11.52 41.15 9.95
N VAL C 112 -12.82 41.38 9.96
CA VAL C 112 -13.73 40.79 9.01
C VAL C 112 -13.09 40.91 7.63
N ALA C 113 -13.22 39.87 6.83
CA ALA C 113 -12.69 39.89 5.49
C ALA C 113 -13.74 39.20 4.64
N ALA C 114 -14.18 39.86 3.57
CA ALA C 114 -15.20 39.29 2.69
C ALA C 114 -14.50 38.40 1.67
N PRO C 115 -15.14 37.32 1.24
CA PRO C 115 -14.54 36.41 0.26
C PRO C 115 -14.55 36.94 -1.17
N SER C 116 -13.50 36.62 -1.91
CA SER C 116 -13.40 36.97 -3.32
C SER C 116 -14.03 35.71 -3.90
N VAL C 117 -15.05 35.86 -4.73
CA VAL C 117 -15.75 34.70 -5.27
C VAL C 117 -15.51 34.35 -6.70
N PHE C 118 -15.46 33.05 -6.97
CA PHE C 118 -15.18 32.53 -8.30
C PHE C 118 -16.03 31.32 -8.63
N ILE C 119 -16.45 31.25 -9.88
CA ILE C 119 -17.24 30.13 -10.33
C ILE C 119 -16.51 29.47 -11.48
N PHE C 120 -16.50 28.15 -11.45
CA PHE C 120 -15.80 27.40 -12.48
C PHE C 120 -16.72 26.43 -13.17
N PRO C 121 -16.87 26.60 -14.48
CA PRO C 121 -17.70 25.74 -15.33
C PRO C 121 -17.00 24.39 -15.41
N PRO C 122 -17.75 23.33 -15.71
CA PRO C 122 -17.12 22.01 -15.82
C PRO C 122 -16.27 21.97 -17.06
N SER C 123 -15.18 21.24 -16.99
CA SER C 123 -14.30 21.13 -18.11
C SER C 123 -14.78 20.36 -19.32
N ASP C 124 -14.24 20.82 -20.43
CA ASP C 124 -14.36 20.31 -21.79
C ASP C 124 -14.41 18.81 -21.75
N GLU C 125 -13.41 18.36 -21.04
CA GLU C 125 -12.97 17.03 -20.74
C GLU C 125 -13.75 16.21 -19.73
N GLN C 126 -14.39 16.84 -18.76
CA GLN C 126 -15.12 16.05 -17.79
C GLN C 126 -16.44 15.63 -18.42
N LEU C 127 -17.08 16.58 -19.07
CA LEU C 127 -18.36 16.40 -19.76
C LEU C 127 -18.25 15.20 -20.65
N LYS C 128 -17.10 15.16 -21.31
CA LYS C 128 -16.67 14.11 -22.20
C LYS C 128 -17.00 12.78 -21.52
N SER C 129 -17.06 12.84 -20.20
CA SER C 129 -17.28 11.69 -19.37
C SER C 129 -18.70 11.41 -18.88
N GLY C 130 -19.70 12.19 -19.28
CA GLY C 130 -21.03 11.90 -18.81
C GLY C 130 -21.26 12.49 -17.43
N THR C 131 -20.38 13.39 -17.05
CA THR C 131 -20.55 14.00 -15.74
C THR C 131 -20.03 15.43 -15.65
N ALA C 132 -20.76 16.25 -14.89
CA ALA C 132 -20.45 17.67 -14.76
C ALA C 132 -20.31 18.22 -13.34
N SER C 133 -19.17 18.78 -13.05
CA SER C 133 -18.92 19.40 -11.75
C SER C 133 -18.76 20.91 -11.88
N VAL C 134 -19.51 21.67 -11.09
CA VAL C 134 -19.38 23.10 -11.06
C VAL C 134 -18.67 23.40 -9.74
N VAL C 135 -17.66 24.25 -9.77
CA VAL C 135 -16.94 24.60 -8.57
C VAL C 135 -17.07 26.08 -8.27
N CYS C 136 -17.30 26.42 -7.01
CA CYS C 136 -17.41 27.81 -6.62
C CYS C 136 -16.37 28.02 -5.52
N LEU C 137 -15.52 29.03 -5.69
CA LEU C 137 -14.49 29.30 -4.71
C LEU C 137 -14.72 30.58 -3.89
N LEU C 138 -14.63 30.44 -2.57
CA LEU C 138 -14.73 31.54 -1.64
C LEU C 138 -13.32 31.72 -1.15
N ASN C 139 -12.65 32.79 -1.57
CA ASN C 139 -11.27 32.96 -1.16
C ASN C 139 -10.94 34.00 -0.12
N ASN C 140 -10.17 33.54 0.86
CA ASN C 140 -9.68 34.34 1.98
C ASN C 140 -10.68 35.18 2.74
N PHE C 141 -11.44 34.53 3.60
CA PHE C 141 -12.42 35.26 4.36
C PHE C 141 -12.35 34.95 5.82
N TYR C 142 -12.80 35.93 6.59
CA TYR C 142 -12.89 35.81 8.03
C TYR C 142 -14.11 36.64 8.39
N PRO C 143 -14.96 36.12 9.28
CA PRO C 143 -14.80 34.83 9.92
C PRO C 143 -15.18 33.67 9.02
N ARG C 144 -15.14 32.49 9.59
CA ARG C 144 -15.40 31.25 8.88
C ARG C 144 -16.82 30.89 8.46
N GLU C 145 -17.83 31.43 9.13
CA GLU C 145 -19.16 31.04 8.72
C GLU C 145 -19.46 31.66 7.37
N ALA C 146 -20.03 30.86 6.47
CA ALA C 146 -20.35 31.35 5.15
C ALA C 146 -21.40 30.44 4.59
N LYS C 147 -22.25 30.99 3.72
CA LYS C 147 -23.23 30.14 3.13
C LYS C 147 -23.16 30.23 1.63
N VAL C 148 -23.25 29.05 1.02
CA VAL C 148 -23.21 28.92 -0.41
C VAL C 148 -24.49 28.28 -0.88
N GLN C 149 -25.09 28.90 -1.87
CA GLN C 149 -26.34 28.47 -2.47
C GLN C 149 -26.14 28.29 -3.94
N TRP C 150 -26.39 27.09 -4.44
CA TRP C 150 -26.25 26.87 -5.85
C TRP C 150 -27.64 27.07 -6.44
N LYS C 151 -27.68 27.71 -7.60
CA LYS C 151 -28.95 27.92 -8.28
C LYS C 151 -28.74 27.57 -9.72
N VAL C 152 -29.70 26.85 -10.27
CA VAL C 152 -29.67 26.41 -11.65
C VAL C 152 -30.95 26.97 -12.28
N ASP C 153 -30.77 27.93 -13.18
CA ASP C 153 -31.89 28.61 -13.82
C ASP C 153 -32.84 29.01 -12.70
N ASN C 154 -32.21 29.63 -11.69
CA ASN C 154 -32.83 30.15 -10.47
C ASN C 154 -33.55 29.20 -9.52
N ALA C 155 -33.38 27.91 -9.68
CA ALA C 155 -34.02 26.97 -8.75
C ALA C 155 -32.96 26.60 -7.72
N LEU C 156 -33.25 26.79 -6.43
CA LEU C 156 -32.26 26.47 -5.42
C LEU C 156 -31.91 25.01 -5.53
N GLN C 157 -30.70 24.65 -5.14
CA GLN C 157 -30.28 23.27 -5.23
C GLN C 157 -30.14 22.69 -3.86
N SER C 158 -30.38 21.41 -3.72
CA SER C 158 -30.21 20.82 -2.43
C SER C 158 -29.81 19.37 -2.57
N GLY C 159 -28.87 18.96 -1.73
CA GLY C 159 -28.40 17.59 -1.73
C GLY C 159 -27.50 17.18 -2.86
N ASN C 160 -27.05 18.11 -3.69
CA ASN C 160 -26.16 17.75 -4.79
C ASN C 160 -24.86 18.55 -4.76
N SER C 161 -24.40 18.93 -3.58
CA SER C 161 -23.17 19.69 -3.45
C SER C 161 -22.39 19.30 -2.21
N GLN C 162 -21.11 19.59 -2.21
CA GLN C 162 -20.28 19.25 -1.07
C GLN C 162 -19.25 20.36 -0.88
N GLU C 163 -18.91 20.68 0.36
CA GLU C 163 -17.91 21.70 0.59
C GLU C 163 -16.78 21.32 1.48
N SER C 164 -15.73 22.12 1.37
CA SER C 164 -14.50 21.89 2.10
C SER C 164 -13.94 23.24 2.57
N VAL C 165 -13.35 23.30 3.77
CA VAL C 165 -12.78 24.54 4.22
C VAL C 165 -11.38 24.30 4.65
N THR C 166 -10.48 25.18 4.26
CA THR C 166 -9.12 25.07 4.68
C THR C 166 -8.97 25.52 6.13
N GLU C 167 -7.76 25.34 6.61
CA GLU C 167 -7.37 25.73 7.93
C GLU C 167 -7.00 27.20 7.82
N GLN C 168 -7.19 27.92 8.92
CA GLN C 168 -6.88 29.33 9.01
C GLN C 168 -5.46 29.51 8.52
N ASP C 169 -5.25 30.41 7.57
CA ASP C 169 -3.90 30.65 7.05
C ASP C 169 -3.00 31.13 8.16
N SER C 170 -1.76 30.63 8.18
CA SER C 170 -0.77 31.01 9.18
C SER C 170 -0.32 32.47 9.12
N LYS C 171 -0.57 33.15 8.01
CA LYS C 171 -0.17 34.56 7.81
C LYS C 171 -1.32 35.57 7.79
N ASP C 172 -2.43 35.11 7.22
CA ASP C 172 -3.67 35.83 6.98
C ASP C 172 -4.67 35.71 8.09
N SER C 173 -4.77 34.50 8.62
CA SER C 173 -5.74 34.13 9.63
C SER C 173 -7.08 34.00 8.90
N THR C 174 -6.98 33.79 7.59
CA THR C 174 -8.15 33.65 6.72
C THR C 174 -8.57 32.21 6.44
N TYR C 175 -9.77 32.06 5.88
CA TYR C 175 -10.34 30.76 5.53
C TYR C 175 -10.71 30.78 4.08
N SER C 176 -10.66 29.61 3.46
CA SER C 176 -11.03 29.50 2.07
C SER C 176 -11.99 28.34 1.93
N LEU C 177 -12.86 28.41 0.94
CA LEU C 177 -13.83 27.36 0.80
C LEU C 177 -14.09 26.94 -0.64
N SER C 178 -14.40 25.66 -0.81
CA SER C 178 -14.65 25.10 -2.12
C SER C 178 -15.97 24.38 -2.05
N SER C 179 -16.87 24.66 -2.96
CA SER C 179 -18.13 23.96 -2.96
C SER C 179 -18.25 23.34 -4.33
N THR C 180 -18.71 22.10 -4.41
CA THR C 180 -18.85 21.47 -5.71
C THR C 180 -20.27 21.00 -5.94
N LEU C 181 -20.83 21.45 -7.04
CA LEU C 181 -22.17 21.09 -7.45
C LEU C 181 -22.03 19.96 -8.47
N THR C 182 -22.51 18.77 -8.14
CA THR C 182 -22.37 17.66 -9.06
C THR C 182 -23.64 17.25 -9.74
N LEU C 183 -23.57 17.26 -11.06
CA LEU C 183 -24.69 16.91 -11.92
C LEU C 183 -24.31 15.88 -12.96
N SER C 184 -25.35 15.27 -13.50
CA SER C 184 -25.18 14.32 -14.57
C SER C 184 -25.06 15.27 -15.75
N LYS C 185 -24.21 14.93 -16.69
CA LYS C 185 -24.06 15.78 -17.84
C LYS C 185 -25.36 15.97 -18.61
N ALA C 186 -26.33 15.08 -18.42
CA ALA C 186 -27.61 15.22 -19.13
C ALA C 186 -28.35 16.38 -18.52
N ASP C 187 -28.17 16.60 -17.23
CA ASP C 187 -28.83 17.73 -16.57
C ASP C 187 -28.09 19.01 -16.82
N TYR C 188 -26.77 18.94 -16.71
CA TYR C 188 -25.97 20.12 -16.96
C TYR C 188 -26.43 20.72 -18.28
N GLU C 189 -26.74 19.88 -19.25
CA GLU C 189 -27.16 20.37 -20.56
C GLU C 189 -28.63 20.76 -20.68
N LYS C 190 -29.43 20.47 -19.67
CA LYS C 190 -30.83 20.84 -19.73
C LYS C 190 -31.01 22.25 -19.26
N HIS C 191 -29.94 22.86 -18.78
CA HIS C 191 -30.04 24.22 -18.28
C HIS C 191 -29.03 25.21 -18.78
N LYS C 192 -29.28 26.46 -18.45
CA LYS C 192 -28.41 27.51 -18.92
C LYS C 192 -27.70 28.31 -17.86
N VAL C 193 -28.41 28.78 -16.85
CA VAL C 193 -27.74 29.56 -15.83
C VAL C 193 -27.31 28.81 -14.58
N TYR C 194 -26.00 28.90 -14.31
CA TYR C 194 -25.37 28.28 -13.18
C TYR C 194 -24.86 29.40 -12.28
N ALA C 195 -25.45 29.50 -11.10
CA ALA C 195 -25.11 30.56 -10.16
C ALA C 195 -24.64 30.15 -8.76
N CYS C 196 -23.66 30.88 -8.28
CA CYS C 196 -23.12 30.65 -6.97
C CYS C 196 -23.47 31.88 -6.12
N GLU C 197 -24.34 31.70 -5.13
CA GLU C 197 -24.73 32.82 -4.28
C GLU C 197 -24.10 32.69 -2.91
N VAL C 198 -23.28 33.68 -2.55
CA VAL C 198 -22.60 33.64 -1.28
C VAL C 198 -23.13 34.64 -0.25
N THR C 199 -23.24 34.19 0.99
CA THR C 199 -23.70 35.05 2.06
C THR C 199 -22.62 35.05 3.12
N HIS C 200 -22.24 36.25 3.55
CA HIS C 200 -21.21 36.37 4.54
C HIS C 200 -21.23 37.75 5.14
N GLN C 201 -20.62 37.87 6.29
CA GLN C 201 -20.55 39.12 7.02
C GLN C 201 -19.77 40.27 6.43
N GLY C 202 -18.87 40.00 5.49
CA GLY C 202 -18.08 41.06 4.92
C GLY C 202 -18.81 41.62 3.71
N LEU C 203 -20.02 41.14 3.50
CA LEU C 203 -20.82 41.57 2.38
C LEU C 203 -22.12 42.16 2.89
N SER C 204 -22.47 43.35 2.39
CA SER C 204 -23.71 44.01 2.79
C SER C 204 -24.87 43.13 2.31
N SER C 205 -24.71 42.53 1.15
CA SER C 205 -25.71 41.62 0.62
C SER C 205 -24.98 40.55 -0.19
N PRO C 206 -25.59 39.38 -0.36
CA PRO C 206 -25.06 38.22 -1.08
C PRO C 206 -24.48 38.49 -2.45
N VAL C 207 -23.36 37.85 -2.79
CA VAL C 207 -22.84 38.06 -4.15
C VAL C 207 -23.13 36.78 -4.90
N THR C 208 -23.39 36.93 -6.19
CA THR C 208 -23.68 35.81 -7.03
C THR C 208 -22.74 35.84 -8.20
N LYS C 209 -22.12 34.70 -8.48
CA LYS C 209 -21.22 34.59 -9.60
C LYS C 209 -21.95 33.61 -10.45
N SER C 210 -22.03 33.89 -11.75
CA SER C 210 -22.75 33.00 -12.60
C SER C 210 -22.12 32.93 -13.95
N PHE C 211 -22.65 32.04 -14.76
CA PHE C 211 -22.22 31.89 -16.12
C PHE C 211 -23.32 31.14 -16.80
N ASN C 212 -23.38 31.35 -18.10
CA ASN C 212 -24.35 30.72 -18.96
C ASN C 212 -23.64 29.54 -19.61
N ARG C 213 -24.32 28.41 -19.66
CA ARG C 213 -23.75 27.25 -20.30
C ARG C 213 -23.69 27.53 -21.80
N GLY C 214 -22.58 27.20 -22.44
CA GLY C 214 -22.46 27.39 -23.87
C GLY C 214 -21.70 28.62 -24.37
N GLU C 215 -21.46 29.58 -23.48
CA GLU C 215 -20.75 30.79 -23.88
C GLU C 215 -19.28 30.77 -23.46
N GLN D 1 13.20 11.80 26.32
CA GLN D 1 12.88 11.59 24.86
C GLN D 1 11.40 11.41 24.57
N VAL D 2 10.88 10.29 25.07
CA VAL D 2 9.53 9.71 24.92
C VAL D 2 8.77 10.04 23.67
N ARG D 3 8.45 8.93 23.02
CA ARG D 3 7.76 8.89 21.77
C ARG D 3 7.12 7.52 21.61
N LEU D 4 6.00 7.52 20.90
CA LEU D 4 5.24 6.33 20.60
C LEU D 4 4.98 6.33 19.11
N VAL D 5 5.38 5.28 18.43
CA VAL D 5 5.14 5.23 17.01
C VAL D 5 4.24 4.07 16.65
N GLU D 6 3.22 4.43 15.92
CA GLU D 6 2.12 3.59 15.47
C GLU D 6 2.32 3.20 14.02
N SER D 7 2.02 1.95 13.72
CA SER D 7 2.20 1.44 12.37
C SER D 7 1.14 0.37 12.08
N GLY D 8 0.98 0.05 10.81
CA GLY D 8 0.01 -0.97 10.44
C GLY D 8 -1.31 -0.53 9.85
N GLY D 9 -1.56 0.77 9.79
CA GLY D 9 -2.84 1.22 9.25
C GLY D 9 -2.88 1.13 7.74
N GLY D 10 -4.09 1.11 7.21
CA GLY D 10 -4.25 1.04 5.76
C GLY D 10 -5.69 0.80 5.41
N VAL D 11 -5.94 0.37 4.19
CA VAL D 11 -7.28 0.13 3.74
C VAL D 11 -7.74 -1.29 3.97
N VAL D 12 -8.88 -1.44 4.62
CA VAL D 12 -9.45 -2.76 4.77
C VAL D 12 -10.90 -2.67 4.38
N GLN D 13 -11.37 -3.74 3.80
CA GLN D 13 -12.75 -3.87 3.36
C GLN D 13 -13.63 -4.18 4.56
N PRO D 14 -14.92 -3.81 4.49
CA PRO D 14 -15.88 -4.05 5.58
C PRO D 14 -15.98 -5.54 5.93
N GLY D 15 -15.66 -5.90 7.17
CA GLY D 15 -15.73 -7.30 7.59
C GLY D 15 -14.33 -7.87 7.60
N GLY D 16 -13.41 -7.07 7.08
CA GLY D 16 -12.02 -7.47 7.03
C GLY D 16 -11.26 -7.32 8.32
N SER D 17 -9.97 -7.63 8.26
CA SER D 17 -9.09 -7.55 9.41
C SER D 17 -7.90 -6.65 9.20
N LEU D 18 -7.51 -6.03 10.30
CA LEU D 18 -6.37 -5.16 10.30
C LEU D 18 -5.64 -5.40 11.60
N ARG D 19 -4.36 -5.10 11.57
CA ARG D 19 -3.53 -5.29 12.73
C ARG D 19 -2.63 -4.08 12.94
N LEU D 20 -2.77 -3.44 14.09
CA LEU D 20 -2.01 -2.25 14.45
C LEU D 20 -0.89 -2.55 15.43
N SER D 21 0.11 -1.67 15.47
CA SER D 21 1.23 -1.82 16.37
C SER D 21 1.67 -0.47 16.94
N CYS D 22 2.26 -0.49 18.12
CA CYS D 22 2.73 0.71 18.82
C CYS D 22 4.11 0.43 19.44
N GLU D 23 5.10 1.19 19.01
CA GLU D 23 6.43 0.98 19.55
C GLU D 23 6.85 2.13 20.45
N GLY D 24 7.23 1.76 21.68
CA GLY D 24 7.63 2.75 22.64
C GLY D 24 9.11 3.10 22.54
N SER D 25 9.55 4.15 23.22
CA SER D 25 10.96 4.53 23.19
C SER D 25 11.16 5.77 24.03
N GLY D 26 12.00 5.69 25.05
CA GLY D 26 12.26 6.83 25.90
C GLY D 26 11.84 6.45 27.29
N PHE D 27 11.41 5.20 27.44
CA PHE D 27 10.97 4.78 28.75
C PHE D 27 10.87 3.29 28.98
N LYS D 28 10.62 2.94 30.22
CA LYS D 28 10.46 1.55 30.59
C LYS D 28 9.09 1.12 30.09
N PHE D 29 9.06 0.77 28.82
CA PHE D 29 7.85 0.34 28.16
C PHE D 29 7.08 -0.72 28.94
N GLY D 30 7.60 -1.18 30.06
CA GLY D 30 6.88 -2.21 30.81
C GLY D 30 6.27 -1.79 32.13
N ASP D 31 6.45 -0.53 32.52
CA ASP D 31 5.81 -0.09 33.77
C ASP D 31 4.64 0.77 33.40
N HIS D 32 4.42 0.90 32.08
CA HIS D 32 3.31 1.68 31.61
C HIS D 32 2.25 0.87 30.90
N GLY D 33 1.00 1.23 31.14
CA GLY D 33 -0.11 0.60 30.45
C GLY D 33 -0.25 1.38 29.16
N ILE D 34 -1.08 0.94 28.22
CA ILE D 34 -1.17 1.67 26.96
C ILE D 34 -2.54 1.65 26.27
N HIS D 35 -2.99 2.84 25.83
CA HIS D 35 -4.29 3.03 25.19
C HIS D 35 -4.29 3.18 23.67
N TRP D 36 -5.49 3.04 23.12
CA TRP D 36 -5.75 3.26 21.71
C TRP D 36 -6.91 4.22 21.74
N VAL D 37 -6.77 5.32 21.03
CA VAL D 37 -7.80 6.32 20.94
C VAL D 37 -7.93 6.63 19.47
N ARG D 38 -9.14 6.85 18.99
CA ARG D 38 -9.23 7.13 17.59
C ARG D 38 -10.03 8.36 17.25
N GLN D 39 -9.74 8.91 16.08
CA GLN D 39 -10.40 10.10 15.64
C GLN D 39 -11.05 9.84 14.28
N ALA D 40 -12.36 9.65 14.31
CA ALA D 40 -13.15 9.43 13.13
C ALA D 40 -13.09 10.78 12.41
N PRO D 41 -13.03 10.76 11.09
CA PRO D 41 -12.95 12.03 10.34
C PRO D 41 -14.04 13.05 10.70
N GLY D 42 -13.66 14.31 10.79
CA GLY D 42 -14.62 15.34 11.13
C GLY D 42 -15.00 15.43 12.61
N GLU D 43 -14.44 14.53 13.42
CA GLU D 43 -14.72 14.55 14.83
C GLU D 43 -13.57 14.58 15.80
N GLY D 44 -13.89 14.06 16.97
CA GLY D 44 -12.93 14.04 18.03
C GLY D 44 -12.39 12.71 18.44
N LEU D 45 -12.05 12.62 19.72
CA LEU D 45 -11.45 11.42 20.27
C LEU D 45 -12.41 10.46 20.92
N GLN D 46 -12.05 9.20 20.84
CA GLN D 46 -12.83 8.14 21.44
C GLN D 46 -11.87 7.10 21.93
N TRP D 47 -12.02 6.75 23.19
CA TRP D 47 -11.17 5.74 23.81
C TRP D 47 -11.77 4.41 23.37
N LEU D 48 -10.89 3.43 23.10
CA LEU D 48 -11.31 2.11 22.63
C LEU D 48 -10.79 1.03 23.53
N THR D 49 -9.51 1.10 23.84
CA THR D 49 -8.92 0.07 24.66
C THR D 49 -7.66 0.47 25.39
N VAL D 50 -7.20 -0.47 26.23
CA VAL D 50 -6.02 -0.30 27.04
C VAL D 50 -5.67 -1.64 27.67
N ILE D 51 -4.37 -1.86 27.84
CA ILE D 51 -3.96 -3.03 28.54
C ILE D 51 -2.99 -2.48 29.54
N SER D 52 -2.54 -3.36 30.41
CA SER D 52 -1.61 -3.05 31.47
C SER D 52 -0.20 -3.43 31.07
N SER D 53 0.73 -3.03 31.93
CA SER D 53 2.17 -3.27 31.81
C SER D 53 2.46 -4.78 31.88
N ASP D 54 1.77 -5.46 32.78
CA ASP D 54 1.90 -6.91 32.98
C ASP D 54 1.23 -7.62 31.79
N GLY D 55 0.62 -6.84 30.89
CA GLY D 55 -0.05 -7.42 29.74
C GLY D 55 -1.14 -8.36 30.21
N THR D 56 -1.44 -8.32 31.50
CA THR D 56 -2.42 -9.20 32.10
C THR D 56 -3.78 -8.60 32.36
N ASP D 57 -4.05 -7.42 31.85
CA ASP D 57 -5.40 -6.92 32.03
C ASP D 57 -5.75 -6.08 30.84
N GLU D 58 -7.02 -6.16 30.46
CA GLU D 58 -7.48 -5.42 29.32
C GLU D 58 -8.84 -4.87 29.52
N ARG D 59 -9.07 -3.79 28.78
CA ARG D 59 -10.35 -3.19 28.81
C ARG D 59 -10.64 -2.73 27.41
N TYR D 60 -11.91 -2.75 27.07
CA TYR D 60 -12.33 -2.37 25.75
C TYR D 60 -13.61 -1.57 25.84
N THR D 61 -13.74 -0.56 25.00
CA THR D 61 -14.98 0.17 25.00
C THR D 61 -15.94 -0.89 24.45
N ASP D 62 -17.24 -0.64 24.50
CA ASP D 62 -18.24 -1.63 23.99
C ASP D 62 -18.19 -1.99 22.54
N SER D 63 -18.06 -1.01 21.68
CA SER D 63 -18.10 -1.27 20.26
C SER D 63 -17.04 -2.21 19.69
N VAL D 64 -16.05 -2.63 20.45
CA VAL D 64 -15.03 -3.46 19.84
C VAL D 64 -14.84 -4.84 20.39
N LYS D 65 -15.66 -5.17 21.39
CA LYS D 65 -15.72 -6.45 22.12
C LYS D 65 -15.60 -7.66 21.23
N GLY D 66 -14.66 -8.54 21.53
CA GLY D 66 -14.51 -9.71 20.68
C GLY D 66 -14.38 -9.40 19.21
N ARG D 67 -14.06 -8.15 18.92
CA ARG D 67 -13.80 -7.70 17.57
C ARG D 67 -12.31 -7.38 17.63
N PHE D 68 -11.93 -6.64 18.68
CA PHE D 68 -10.56 -6.20 18.91
C PHE D 68 -9.86 -6.90 20.07
N THR D 69 -8.57 -7.10 19.91
CA THR D 69 -7.81 -7.70 20.98
C THR D 69 -6.36 -7.22 20.99
N ILE D 70 -6.02 -6.63 22.13
CA ILE D 70 -4.74 -6.02 22.41
C ILE D 70 -3.68 -6.93 23.05
N SER D 71 -2.43 -6.77 22.62
CA SER D 71 -1.34 -7.62 23.09
C SER D 71 -0.28 -6.86 23.85
N ARG D 72 0.97 -7.08 23.45
CA ARG D 72 2.10 -6.45 24.09
C ARG D 72 3.33 -7.32 24.26
N ASP D 73 4.47 -6.82 23.82
CA ASP D 73 5.72 -7.52 24.07
C ASP D 73 6.69 -6.45 24.43
N ASN D 74 6.86 -6.30 25.74
CA ASN D 74 7.76 -5.33 26.32
C ASN D 74 9.09 -5.78 25.82
N SER D 75 9.28 -7.09 25.94
CA SER D 75 10.49 -7.78 25.54
C SER D 75 10.94 -7.18 24.21
N LYS D 76 10.01 -6.55 23.49
CA LYS D 76 10.29 -5.89 22.22
C LYS D 76 9.86 -4.42 22.23
N ASN D 77 9.12 -4.04 23.27
CA ASN D 77 8.61 -2.67 23.41
C ASN D 77 7.52 -2.37 22.41
N THR D 78 6.61 -3.32 22.25
CA THR D 78 5.54 -3.08 21.31
C THR D 78 4.25 -3.54 21.84
N MET D 79 3.21 -2.93 21.31
CA MET D 79 1.87 -3.25 21.70
C MET D 79 1.22 -3.54 20.34
N SER D 80 0.16 -4.34 20.36
CA SER D 80 -0.52 -4.72 19.15
C SER D 80 -2.02 -4.75 19.37
N LEU D 81 -2.76 -4.27 18.39
CA LEU D 81 -4.19 -4.32 18.44
C LEU D 81 -4.60 -5.00 17.15
N GLN D 82 -5.20 -6.16 17.33
CA GLN D 82 -5.70 -7.01 16.26
C GLN D 82 -7.12 -6.59 16.09
N MET D 83 -7.45 -6.05 14.93
CA MET D 83 -8.79 -5.58 14.72
C MET D 83 -9.56 -6.38 13.72
N ASN D 84 -10.65 -7.02 14.10
CA ASN D 84 -11.37 -7.55 12.98
C ASN D 84 -12.78 -7.22 12.93
N ASN D 85 -13.27 -7.45 11.73
CA ASN D 85 -14.62 -7.17 11.39
C ASN D 85 -14.78 -5.73 11.24
N LEU D 86 -13.74 -5.08 10.76
CA LEU D 86 -13.87 -3.66 10.65
C LEU D 86 -15.19 -3.28 10.02
N ARG D 87 -15.64 -2.11 10.41
CA ARG D 87 -16.87 -1.53 9.95
C ARG D 87 -16.44 -0.11 9.75
N PRO D 88 -17.25 0.67 9.02
CA PRO D 88 -17.04 2.07 8.69
C PRO D 88 -16.92 2.99 9.90
N GLU D 89 -17.66 2.70 10.97
CA GLU D 89 -17.55 3.54 12.16
C GLU D 89 -16.08 3.45 12.62
N ASP D 90 -15.37 2.45 12.13
CA ASP D 90 -13.98 2.27 12.52
C ASP D 90 -12.95 3.04 11.72
N MET D 91 -13.38 3.66 10.65
CA MET D 91 -12.49 4.45 9.83
C MET D 91 -11.94 5.60 10.66
N GLY D 92 -10.64 5.82 10.63
CA GLY D 92 -10.10 6.94 11.38
C GLY D 92 -8.64 6.94 11.74
N LEU D 93 -8.28 7.88 12.59
CA LEU D 93 -6.92 8.02 13.05
C LEU D 93 -6.80 7.27 14.35
N TYR D 94 -5.87 6.34 14.39
CA TYR D 94 -5.66 5.56 15.59
C TYR D 94 -4.37 6.02 16.23
N TYR D 95 -4.49 6.44 17.49
CA TYR D 95 -3.40 6.95 18.32
C TYR D 95 -3.08 6.02 19.46
N CYS D 96 -1.82 5.77 19.75
CA CYS D 96 -1.58 4.97 20.92
C CYS D 96 -1.10 5.96 21.96
N ALA D 97 -1.45 5.72 23.21
CA ALA D 97 -1.06 6.65 24.25
C ALA D 97 -0.65 5.92 25.49
N ARG D 98 0.41 6.44 26.09
CA ARG D 98 0.97 5.86 27.29
C ARG D 98 0.12 6.16 28.51
N ASP D 99 0.00 5.16 29.39
CA ASP D 99 -0.76 5.37 30.60
C ASP D 99 0.24 5.86 31.64
N GLY D 100 -0.13 6.92 32.37
CA GLY D 100 0.79 7.45 33.37
C GLY D 100 0.96 6.51 34.54
N LYS D 101 2.14 6.50 35.15
CA LYS D 101 2.37 5.61 36.28
C LYS D 101 1.28 5.69 37.32
N CYS D 102 0.89 4.55 37.83
CA CYS D 102 -0.14 4.50 38.84
C CYS D 102 0.51 3.81 40.06
N GLY D 103 0.10 4.21 41.26
CA GLY D 103 0.66 3.75 42.54
C GLY D 103 0.98 2.35 43.01
N GLY D 104 0.01 1.44 42.96
CA GLY D 104 0.29 0.07 43.38
C GLY D 104 0.80 -0.77 42.23
N GLY D 105 1.03 -0.09 41.12
CA GLY D 105 1.48 -0.76 39.91
C GLY D 105 0.57 -1.93 39.56
N ARG D 106 -0.61 -1.95 40.16
CA ARG D 106 -1.64 -2.95 39.87
C ARG D 106 -2.80 -2.04 39.61
N CYS D 107 -2.60 -1.10 38.68
CA CYS D 107 -3.57 -0.08 38.43
C CYS D 107 -3.46 0.55 37.06
N TYR D 108 -4.31 1.54 36.87
CA TYR D 108 -4.37 2.35 35.67
C TYR D 108 -4.55 3.74 36.17
N SER D 109 -3.93 4.71 35.52
CA SER D 109 -4.14 6.06 35.95
C SER D 109 -5.35 6.53 35.18
N GLY D 110 -5.37 6.23 33.89
CA GLY D 110 -6.45 6.69 33.06
C GLY D 110 -5.90 8.02 32.61
N LEU D 111 -4.67 8.27 33.01
CA LEU D 111 -3.99 9.49 32.61
C LEU D 111 -3.16 9.10 31.39
N LEU D 112 -3.53 9.66 30.25
CA LEU D 112 -2.83 9.42 28.99
C LEU D 112 -1.80 10.51 28.82
N ASP D 113 -0.56 10.30 29.29
CA ASP D 113 0.44 11.37 29.20
C ASP D 113 1.24 11.65 27.94
N TYR D 114 1.46 10.66 27.08
CA TYR D 114 2.15 10.92 25.81
C TYR D 114 1.43 10.13 24.78
N TRP D 115 1.27 10.74 23.62
CA TRP D 115 0.52 10.19 22.51
C TRP D 115 1.37 10.13 21.28
N GLY D 116 0.99 9.25 20.36
CA GLY D 116 1.69 9.16 19.11
C GLY D 116 1.04 10.14 18.13
N GLN D 117 1.44 10.09 16.87
CA GLN D 117 0.89 10.97 15.84
C GLN D 117 -0.32 10.41 15.13
N GLY D 118 -0.41 9.09 15.12
CA GLY D 118 -1.55 8.40 14.52
C GLY D 118 -1.26 7.57 13.29
N THR D 119 -2.01 6.50 13.10
CA THR D 119 -1.88 5.72 11.88
C THR D 119 -3.32 5.69 11.39
N MET D 120 -3.51 5.84 10.09
CA MET D 120 -4.82 5.92 9.46
C MET D 120 -5.46 4.61 9.06
N VAL D 121 -6.73 4.45 9.40
CA VAL D 121 -7.47 3.27 9.04
C VAL D 121 -8.64 3.63 8.16
N THR D 122 -8.69 2.99 7.00
CA THR D 122 -9.72 3.23 6.03
C THR D 122 -10.53 1.94 5.85
N VAL D 123 -11.84 2.04 6.00
CA VAL D 123 -12.70 0.89 5.82
C VAL D 123 -13.60 1.21 4.66
N SER D 124 -13.44 0.49 3.57
CA SER D 124 -14.21 0.75 2.39
C SER D 124 -14.24 -0.48 1.54
N SER D 125 -15.22 -0.52 0.66
CA SER D 125 -15.38 -1.63 -0.24
C SER D 125 -14.88 -1.12 -1.59
N ALA D 126 -14.51 0.15 -1.63
CA ALA D 126 -14.06 0.73 -2.87
C ALA D 126 -12.74 0.19 -3.36
N SER D 127 -12.60 0.19 -4.67
CA SER D 127 -11.38 -0.29 -5.32
C SER D 127 -10.42 0.84 -5.52
N PHE D 128 -9.13 0.50 -5.51
CA PHE D 128 -8.10 1.49 -5.70
C PHE D 128 -8.26 2.17 -7.01
N LYS D 129 -7.99 3.45 -7.00
CA LYS D 129 -8.24 4.19 -8.20
C LYS D 129 -7.53 5.53 -8.23
N GLY D 130 -6.92 5.83 -9.37
CA GLY D 130 -6.22 7.08 -9.55
C GLY D 130 -7.24 8.10 -9.99
N PRO D 131 -7.01 9.38 -9.67
CA PRO D 131 -7.89 10.49 -10.03
C PRO D 131 -7.80 10.97 -11.45
N SER D 132 -8.89 11.56 -11.90
CA SER D 132 -9.00 12.20 -13.20
C SER D 132 -8.78 13.65 -12.76
N VAL D 133 -7.97 14.37 -13.50
CA VAL D 133 -7.63 15.72 -13.14
C VAL D 133 -8.17 16.66 -14.18
N PHE D 134 -9.16 17.45 -13.79
CA PHE D 134 -9.77 18.39 -14.71
C PHE D 134 -9.33 19.78 -14.39
N PRO D 135 -9.37 20.67 -15.38
CA PRO D 135 -8.94 22.02 -15.06
C PRO D 135 -10.08 22.90 -14.61
N LEU D 136 -9.78 23.81 -13.69
CA LEU D 136 -10.75 24.80 -13.20
C LEU D 136 -10.13 25.97 -13.92
N ALA D 137 -10.69 26.28 -15.09
CA ALA D 137 -10.11 27.31 -15.94
C ALA D 137 -10.40 28.71 -15.60
N PRO D 138 -9.39 29.54 -15.86
CA PRO D 138 -9.60 30.92 -15.55
C PRO D 138 -10.49 31.96 -16.26
N SER D 139 -11.08 32.40 -15.20
CA SER D 139 -12.06 33.32 -14.82
C SER D 139 -12.41 34.48 -15.76
N THR D 147 -7.22 40.31 -10.00
CA THR D 147 -6.53 38.99 -9.97
C THR D 147 -7.47 37.90 -10.50
N ALA D 148 -6.94 36.70 -10.73
CA ALA D 148 -7.68 35.56 -11.23
C ALA D 148 -7.48 34.32 -10.36
N ALA D 149 -8.44 33.40 -10.39
CA ALA D 149 -8.37 32.17 -9.65
C ALA D 149 -8.35 31.08 -10.70
N LEU D 150 -7.56 30.04 -10.47
CA LEU D 150 -7.49 28.93 -11.41
C LEU D 150 -7.17 27.73 -10.56
N GLY D 151 -7.41 26.54 -11.08
CA GLY D 151 -7.10 25.36 -10.29
C GLY D 151 -7.30 24.07 -11.01
N CYS D 152 -7.19 23.00 -10.24
CA CYS D 152 -7.36 21.65 -10.73
C CYS D 152 -8.37 20.90 -9.86
N LEU D 153 -9.25 20.16 -10.54
CA LEU D 153 -10.26 19.36 -9.88
C LEU D 153 -9.68 17.93 -9.89
N VAL D 154 -9.39 17.40 -8.72
CA VAL D 154 -8.82 16.05 -8.58
C VAL D 154 -9.97 15.12 -8.22
N LYS D 155 -10.50 14.49 -9.26
CA LYS D 155 -11.68 13.68 -9.11
C LYS D 155 -11.67 12.18 -9.13
N ASP D 156 -12.47 11.63 -8.21
CA ASP D 156 -12.68 10.21 -8.08
C ASP D 156 -11.49 9.34 -7.84
N TYR D 157 -10.88 9.50 -6.69
CA TYR D 157 -9.72 8.70 -6.35
C TYR D 157 -9.99 7.96 -5.05
N PHE D 158 -9.24 6.88 -4.83
CA PHE D 158 -9.35 6.09 -3.63
C PHE D 158 -8.09 5.19 -3.54
N PRO D 159 -7.44 5.17 -2.38
CA PRO D 159 -7.88 5.92 -1.19
C PRO D 159 -7.11 7.23 -1.04
N GLU D 160 -7.17 7.78 0.16
CA GLU D 160 -6.41 8.98 0.49
C GLU D 160 -5.02 8.41 0.71
N PRO D 161 -3.98 9.26 0.54
CA PRO D 161 -4.13 10.67 0.16
C PRO D 161 -3.56 11.09 -1.19
N VAL D 162 -3.76 12.37 -1.55
CA VAL D 162 -3.15 12.94 -2.84
C VAL D 162 -2.49 14.22 -2.43
N THR D 163 -1.43 14.57 -3.13
CA THR D 163 -0.74 15.81 -2.89
C THR D 163 -0.85 16.53 -4.21
N VAL D 164 -0.79 17.84 -4.12
CA VAL D 164 -0.88 18.69 -5.27
C VAL D 164 0.19 19.73 -5.16
N SER D 165 0.83 20.01 -6.28
CA SER D 165 1.88 21.00 -6.34
C SER D 165 1.53 21.87 -7.50
N TRP D 166 2.08 23.07 -7.52
CA TRP D 166 1.84 23.91 -8.66
C TRP D 166 3.20 24.23 -9.25
N ASN D 167 3.26 24.11 -10.57
CA ASN D 167 4.49 24.34 -11.31
C ASN D 167 5.71 23.70 -10.67
N SER D 168 5.56 22.41 -10.37
CA SER D 168 6.64 21.63 -9.80
C SER D 168 7.14 22.16 -8.47
N GLY D 169 6.30 22.95 -7.80
CA GLY D 169 6.66 23.50 -6.52
C GLY D 169 7.29 24.88 -6.55
N ALA D 170 7.12 25.60 -7.67
CA ALA D 170 7.65 26.96 -7.82
C ALA D 170 6.53 27.95 -7.62
N LEU D 171 5.30 27.49 -7.78
CA LEU D 171 4.14 28.32 -7.51
C LEU D 171 3.74 27.84 -6.12
N THR D 172 3.70 28.76 -5.18
CA THR D 172 3.47 28.40 -3.81
C THR D 172 2.57 29.37 -3.11
N SER D 173 2.51 30.57 -3.69
CA SER D 173 1.78 31.72 -3.17
C SER D 173 0.37 31.88 -3.74
N GLY D 174 -0.62 31.88 -2.86
CA GLY D 174 -2.00 32.01 -3.27
C GLY D 174 -2.57 30.64 -3.57
N VAL D 175 -1.87 29.60 -3.12
CA VAL D 175 -2.32 28.26 -3.35
C VAL D 175 -3.17 27.77 -2.19
N HIS D 176 -4.30 27.18 -2.52
CA HIS D 176 -5.18 26.62 -1.53
C HIS D 176 -5.54 25.22 -1.96
N THR D 177 -5.00 24.23 -1.29
CA THR D 177 -5.37 22.88 -1.63
C THR D 177 -6.33 22.49 -0.56
N PHE D 178 -7.54 22.16 -0.98
CA PHE D 178 -8.64 21.82 -0.12
C PHE D 178 -8.67 20.39 0.38
N PRO D 179 -9.34 20.18 1.52
CA PRO D 179 -9.45 18.83 2.08
C PRO D 179 -10.37 18.10 1.11
N ALA D 180 -10.24 16.79 0.99
CA ALA D 180 -11.10 16.08 0.06
C ALA D 180 -12.43 15.68 0.68
N VAL D 181 -13.46 15.57 -0.15
CA VAL D 181 -14.74 15.12 0.33
C VAL D 181 -14.97 13.72 -0.23
N LEU D 182 -15.69 12.94 0.55
CA LEU D 182 -16.03 11.59 0.17
C LEU D 182 -17.40 11.60 -0.43
N GLN D 183 -17.47 11.23 -1.69
CA GLN D 183 -18.72 11.22 -2.41
C GLN D 183 -19.51 9.93 -2.15
N SER D 184 -20.73 9.92 -2.67
CA SER D 184 -21.64 8.82 -2.55
C SER D 184 -21.07 7.55 -3.17
N SER D 185 -20.19 7.72 -4.15
CA SER D 185 -19.56 6.60 -4.85
C SER D 185 -18.58 5.82 -3.99
N GLY D 186 -17.98 6.50 -3.01
CA GLY D 186 -16.98 5.86 -2.18
C GLY D 186 -15.63 6.40 -2.57
N LEU D 187 -15.64 7.26 -3.59
CA LEU D 187 -14.45 7.91 -4.14
C LEU D 187 -14.29 9.32 -3.59
N TYR D 188 -13.05 9.79 -3.52
CA TYR D 188 -12.74 11.13 -3.02
C TYR D 188 -12.58 12.11 -4.16
N SER D 189 -12.69 13.38 -3.83
CA SER D 189 -12.55 14.43 -4.81
C SER D 189 -12.03 15.65 -4.10
N LEU D 190 -11.19 16.43 -4.78
CA LEU D 190 -10.68 17.64 -4.17
C LEU D 190 -10.27 18.66 -5.17
N SER D 191 -9.99 19.84 -4.64
CA SER D 191 -9.59 20.98 -5.43
C SER D 191 -8.32 21.61 -4.93
N SER D 192 -7.57 22.18 -5.86
CA SER D 192 -6.40 22.93 -5.54
C SER D 192 -6.59 24.15 -6.42
N VAL D 193 -6.57 25.32 -5.80
CA VAL D 193 -6.72 26.53 -6.55
C VAL D 193 -5.56 27.41 -6.19
N VAL D 194 -5.36 28.44 -6.99
CA VAL D 194 -4.32 29.41 -6.75
C VAL D 194 -4.76 30.73 -7.35
N THR D 195 -4.53 31.81 -6.61
CA THR D 195 -4.91 33.13 -7.08
C THR D 195 -3.71 33.77 -7.70
N VAL D 196 -3.95 34.39 -8.84
CA VAL D 196 -2.88 35.02 -9.56
C VAL D 196 -3.31 36.31 -10.20
N PRO D 197 -2.32 37.13 -10.51
CA PRO D 197 -2.60 38.39 -11.18
C PRO D 197 -2.99 38.05 -12.62
N SER D 198 -4.12 38.63 -13.03
CA SER D 198 -4.72 38.46 -14.36
C SER D 198 -3.81 39.05 -15.41
N SER D 199 -2.82 39.82 -14.96
CA SER D 199 -1.84 40.43 -15.87
C SER D 199 -1.22 39.21 -16.48
N SER D 200 -0.55 38.42 -15.64
CA SER D 200 0.02 37.16 -16.08
C SER D 200 -1.30 36.53 -16.48
N LEU D 201 -1.24 35.34 -17.06
CA LEU D 201 -2.46 34.64 -17.48
C LEU D 201 -2.35 34.19 -18.90
N GLY D 202 -1.94 35.10 -19.77
CA GLY D 202 -1.72 34.72 -21.16
C GLY D 202 -0.23 34.63 -21.27
N THR D 203 0.38 34.66 -20.09
CA THR D 203 1.84 34.71 -19.89
C THR D 203 2.54 33.55 -19.28
N GLN D 204 2.19 33.36 -18.02
CA GLN D 204 2.73 32.31 -17.20
C GLN D 204 1.99 31.04 -17.51
N THR D 205 2.73 29.94 -17.54
CA THR D 205 2.14 28.64 -17.77
C THR D 205 1.85 28.04 -16.41
N TYR D 206 0.64 27.57 -16.21
CA TYR D 206 0.26 26.98 -14.93
C TYR D 206 -0.03 25.50 -15.02
N ILE D 207 0.62 24.72 -14.16
CA ILE D 207 0.46 23.28 -14.16
C ILE D 207 0.36 22.71 -12.75
N CYS D 208 -0.70 21.96 -12.49
CA CYS D 208 -0.85 21.33 -11.19
C CYS D 208 -0.24 19.94 -11.28
N ASN D 209 0.54 19.57 -10.26
CA ASN D 209 1.20 18.28 -10.23
C ASN D 209 0.56 17.42 -9.16
N VAL D 210 -0.20 16.43 -9.60
CA VAL D 210 -0.92 15.54 -8.71
C VAL D 210 -0.22 14.21 -8.47
N ASN D 211 -0.14 13.82 -7.21
CA ASN D 211 0.46 12.56 -6.84
C ASN D 211 -0.52 11.77 -6.00
N HIS D 212 -0.98 10.65 -6.53
CA HIS D 212 -1.86 9.76 -5.77
C HIS D 212 -1.02 8.54 -5.64
N LYS D 213 -0.24 8.54 -4.59
CA LYS D 213 0.69 7.47 -4.30
C LYS D 213 0.10 6.09 -4.10
N PRO D 214 -1.04 5.99 -3.41
CA PRO D 214 -1.62 4.67 -3.22
C PRO D 214 -1.80 3.86 -4.51
N SER D 215 -2.06 4.54 -5.61
CA SER D 215 -2.27 3.89 -6.91
C SER D 215 -1.15 4.08 -7.91
N ASN D 216 0.00 4.59 -7.46
CA ASN D 216 1.14 4.83 -8.34
C ASN D 216 0.70 5.75 -9.45
N THR D 217 -0.22 6.65 -9.16
CA THR D 217 -0.71 7.56 -10.20
C THR D 217 -0.09 8.94 -10.07
N LYS D 218 0.23 9.50 -11.22
CA LYS D 218 0.88 10.79 -11.32
C LYS D 218 0.22 11.58 -12.41
N VAL D 219 -0.35 12.73 -12.11
CA VAL D 219 -0.94 13.49 -13.17
C VAL D 219 -0.46 14.92 -13.13
N ASP D 220 -0.10 15.43 -14.31
CA ASP D 220 0.35 16.80 -14.45
C ASP D 220 -0.65 17.38 -15.38
N LYS D 221 -1.22 18.51 -15.02
CA LYS D 221 -2.23 19.06 -15.87
C LYS D 221 -2.13 20.56 -16.00
N LYS D 222 -1.97 20.97 -17.24
CA LYS D 222 -1.84 22.37 -17.56
C LYS D 222 -3.22 22.98 -17.50
N VAL D 223 -3.30 24.12 -16.82
CA VAL D 223 -4.53 24.88 -16.62
C VAL D 223 -4.34 26.10 -17.47
N GLU D 224 -5.22 26.18 -18.46
CA GLU D 224 -5.14 27.17 -19.50
C GLU D 224 -6.35 28.08 -19.68
N PRO D 225 -6.12 29.34 -20.05
CA PRO D 225 -7.27 30.24 -20.26
C PRO D 225 -8.00 29.85 -21.55
#